data_7QKB
#
_entry.id   7QKB
#
_cell.length_a   57.290
_cell.length_b   62.450
_cell.length_c   67.820
_cell.angle_alpha   105.306
_cell.angle_beta   93.523
_cell.angle_gamma   115.929
#
_symmetry.space_group_name_H-M   'P 1'
#
loop_
_entity.id
_entity.type
_entity.pdbx_description
1 polymer 'Cathepsin L'
2 non-polymer DI(HYDROXYETHYL)ETHER
3 non-polymer 'SODIUM ION'
4 non-polymer 'TRIETHYLENE GLYCOL'
5 non-polymer 'CHLORIDE ION'
6 non-polymer N~2~-[(benzyloxy)carbonyl]-N-{(2S)-1-hydroxy-3-[(3S)-2-oxopyrrolidin-3-yl]propan-2-yl}-L-leucinamide
7 non-polymer 'TETRAETHYLENE GLYCOL'
8 non-polymer 'HEXAETHYLENE GLYCOL'
9 water water
#
_entity_poly.entity_id   1
_entity_poly.type   'polypeptide(L)'
_entity_poly.pdbx_seq_one_letter_code
;APRSVDWREKGYVTPVKNQGQCGSCWAFSATGALEGQMFRKTGRLISLSEQNLVDCSGPQGNEGCNGGLMDYAFQYVQDN
GGLDSEESYPYEATEESCKYNPKYSVANDAGFVDIPKQEKALMKAVATVGPISVAIDAGHESFLFYKEGIYFEPDCSSED
MDHGVLVVGYGFESTESDNNKYWLVKNSWGEEWGMGGYVKMAKDRRNHCGIASAASYPTV
;
_entity_poly.pdbx_strand_id   A,B,C,D
#
# COMPACT_ATOMS: atom_id res chain seq x y z
N ALA A 1 -4.71 21.17 7.07
CA ALA A 1 -5.31 19.83 7.31
C ALA A 1 -4.25 18.74 7.17
N PRO A 2 -4.50 17.58 7.76
CA PRO A 2 -3.55 16.46 7.63
C PRO A 2 -3.47 15.96 6.19
N ARG A 3 -2.35 15.31 5.89
CA ARG A 3 -2.20 14.66 4.60
C ARG A 3 -2.84 13.27 4.58
N SER A 4 -3.00 12.64 5.73
CA SER A 4 -3.59 11.30 5.81
C SER A 4 -4.45 11.18 7.07
N VAL A 5 -5.61 10.54 6.91
CA VAL A 5 -6.59 10.36 7.97
C VAL A 5 -7.20 8.97 7.82
N ASP A 6 -7.33 8.24 8.93
CA ASP A 6 -7.99 6.93 8.91
C ASP A 6 -8.70 6.74 10.26
N TRP A 7 -10.02 6.90 10.25
CA TRP A 7 -10.80 6.79 11.48
C TRP A 7 -10.98 5.35 11.95
N ARG A 8 -10.69 4.37 11.10
CA ARG A 8 -10.77 2.98 11.54
C ARG A 8 -9.76 2.71 12.65
N GLU A 9 -8.59 3.35 12.57
CA GLU A 9 -7.56 3.16 13.59
C GLU A 9 -7.89 3.87 14.91
N LYS A 10 -8.84 4.81 14.89
CA LYS A 10 -9.30 5.48 16.10
C LYS A 10 -10.53 4.82 16.71
N GLY A 11 -11.06 3.78 16.07
CA GLY A 11 -12.15 3.01 16.64
C GLY A 11 -13.54 3.44 16.26
N TYR A 12 -13.68 4.24 15.20
CA TYR A 12 -14.96 4.83 14.84
C TYR A 12 -15.81 3.96 13.93
N VAL A 13 -15.27 2.86 13.39
CA VAL A 13 -15.85 2.19 12.23
C VAL A 13 -16.09 0.72 12.55
N THR A 14 -17.33 0.28 12.36
CA THR A 14 -17.70 -1.12 12.50
C THR A 14 -17.24 -1.91 11.27
N PRO A 15 -17.28 -3.25 11.35
CA PRO A 15 -16.87 -4.07 10.19
C PRO A 15 -17.79 -3.89 8.99
N VAL A 16 -17.29 -4.33 7.83
CA VAL A 16 -18.05 -4.20 6.59
C VAL A 16 -19.28 -5.10 6.63
N LYS A 17 -20.40 -4.54 6.20
CA LYS A 17 -21.68 -5.23 6.14
C LYS A 17 -22.04 -5.53 4.68
N ASN A 18 -23.15 -6.24 4.48
CA ASN A 18 -23.58 -6.65 3.15
C ASN A 18 -25.07 -6.40 3.00
N GLN A 19 -25.43 -5.47 2.13
CA GLN A 19 -26.82 -5.13 1.90
C GLN A 19 -27.57 -6.18 1.08
N GLY A 20 -26.87 -7.15 0.50
CA GLY A 20 -27.55 -8.11 -0.35
C GLY A 20 -28.19 -7.43 -1.55
N GLN A 21 -29.31 -7.99 -1.99
CA GLN A 21 -30.01 -7.56 -3.21
C GLN A 21 -31.16 -6.59 -2.90
N CYS A 22 -30.92 -5.62 -2.02
CA CYS A 22 -31.91 -4.62 -1.65
C CYS A 22 -31.24 -3.25 -1.82
N GLY A 23 -31.97 -2.31 -2.40
CA GLY A 23 -31.43 -0.98 -2.65
C GLY A 23 -31.34 -0.11 -1.41
N SER A 24 -30.68 -0.62 -0.38
CA SER A 24 -30.65 0.02 0.93
C SER A 24 -29.29 0.62 1.27
N CYS A 25 -28.45 0.86 0.25
CA CYS A 25 -27.13 1.44 0.49
C CYS A 25 -27.20 2.66 1.40
N TRP A 26 -28.25 3.47 1.22
CA TRP A 26 -28.42 4.69 2.02
C TRP A 26 -28.52 4.38 3.51
N ALA A 27 -29.14 3.26 3.87
CA ALA A 27 -29.27 2.90 5.28
C ALA A 27 -27.92 2.52 5.88
N PHE A 28 -27.08 1.84 5.12
CA PHE A 28 -25.76 1.47 5.65
C PHE A 28 -24.85 2.68 5.74
N SER A 29 -24.91 3.58 4.76
CA SER A 29 -24.16 4.82 4.86
C SER A 29 -24.55 5.62 6.10
N ALA A 30 -25.86 5.70 6.38
CA ALA A 30 -26.32 6.51 7.50
C ALA A 30 -25.93 5.88 8.84
N THR A 31 -26.13 4.57 8.99
CA THR A 31 -25.72 3.92 10.24
C THR A 31 -24.21 4.04 10.44
N GLY A 32 -23.44 3.92 9.36
CA GLY A 32 -22.00 4.09 9.46
C GLY A 32 -21.62 5.45 10.03
N ALA A 33 -22.23 6.51 9.51
CA ALA A 33 -21.91 7.85 10.00
C ALA A 33 -22.40 8.05 11.43
N LEU A 34 -23.57 7.51 11.78
CA LEU A 34 -24.06 7.66 13.15
C LEU A 34 -23.31 6.76 14.11
N GLU A 35 -22.83 5.60 13.67
CA GLU A 35 -21.97 4.77 14.51
C GLU A 35 -20.70 5.53 14.90
N GLY A 36 -20.16 6.30 13.97
CA GLY A 36 -18.96 7.07 14.27
C GLY A 36 -19.22 8.20 15.24
N GLN A 37 -20.32 8.93 15.06
CA GLN A 37 -20.60 10.05 15.94
C GLN A 37 -21.04 9.60 17.33
N MET A 38 -21.75 8.47 17.43
CA MET A 38 -22.09 7.95 18.75
C MET A 38 -20.83 7.52 19.50
N PHE A 39 -19.89 6.87 18.81
CA PHE A 39 -18.63 6.51 19.46
C PHE A 39 -17.86 7.74 19.88
N ARG A 40 -17.85 8.76 19.02
CA ARG A 40 -17.20 10.02 19.37
C ARG A 40 -17.71 10.56 20.70
N LYS A 41 -19.00 10.40 20.96
CA LYS A 41 -19.63 10.97 22.15
C LYS A 41 -19.52 10.05 23.36
N THR A 42 -19.77 8.75 23.19
CA THR A 42 -19.85 7.84 24.32
C THR A 42 -18.63 6.95 24.48
N GLY A 43 -17.80 6.82 23.46
CA GLY A 43 -16.69 5.88 23.53
C GLY A 43 -17.08 4.43 23.39
N ARG A 44 -18.32 4.17 22.96
CA ARG A 44 -18.82 2.82 22.72
C ARG A 44 -19.19 2.69 21.25
N LEU A 45 -18.64 1.68 20.58
CA LEU A 45 -18.96 1.37 19.18
C LEU A 45 -20.00 0.27 19.17
N ILE A 46 -21.22 0.61 18.79
CA ILE A 46 -22.32 -0.35 18.69
C ILE A 46 -22.88 -0.30 17.27
N SER A 47 -22.94 -1.47 16.63
CA SER A 47 -23.51 -1.57 15.29
C SER A 47 -25.01 -1.30 15.33
N LEU A 48 -25.49 -0.50 14.37
CA LEU A 48 -26.86 -0.02 14.34
C LEU A 48 -27.68 -0.70 13.27
N SER A 49 -29.00 -0.69 13.45
CA SER A 49 -29.91 -1.51 12.65
C SER A 49 -30.29 -0.78 11.37
N GLU A 50 -29.82 -1.29 10.23
CA GLU A 50 -30.28 -0.77 8.95
C GLU A 50 -31.73 -1.14 8.70
N GLN A 51 -32.15 -2.34 9.13
CA GLN A 51 -33.53 -2.77 8.94
C GLN A 51 -34.50 -1.81 9.63
N ASN A 52 -34.12 -1.28 10.80
CA ASN A 52 -34.89 -0.23 11.44
C ASN A 52 -35.17 0.91 10.48
N LEU A 53 -34.11 1.40 9.80
CA LEU A 53 -34.28 2.50 8.86
C LEU A 53 -35.13 2.08 7.67
N VAL A 54 -34.84 0.92 7.09
CA VAL A 54 -35.56 0.46 5.91
C VAL A 54 -37.05 0.35 6.19
N ASP A 55 -37.40 -0.20 7.36
CA ASP A 55 -38.79 -0.46 7.67
C ASP A 55 -39.55 0.79 8.13
N CYS A 56 -38.86 1.76 8.74
CA CYS A 56 -39.55 2.74 9.56
C CYS A 56 -39.42 4.18 9.09
N SER A 57 -38.47 4.50 8.21
CA SER A 57 -38.17 5.89 7.88
C SER A 57 -38.86 6.38 6.61
N GLY A 58 -39.90 5.67 6.16
CA GLY A 58 -40.70 6.14 5.06
C GLY A 58 -41.32 7.50 5.25
N PRO A 59 -41.88 7.80 6.43
CA PRO A 59 -42.46 9.14 6.64
C PRO A 59 -41.47 10.28 6.45
N GLN A 60 -40.18 10.02 6.57
CA GLN A 60 -39.18 11.05 6.33
C GLN A 60 -38.81 11.20 4.86
N GLY A 61 -39.29 10.30 4.00
CA GLY A 61 -39.05 10.40 2.57
C GLY A 61 -38.34 9.20 1.95
N ASN A 62 -37.88 8.24 2.75
CA ASN A 62 -37.18 7.08 2.21
C ASN A 62 -38.18 6.06 1.68
N GLU A 63 -37.71 5.18 0.80
CA GLU A 63 -38.55 4.19 0.13
C GLU A 63 -37.91 2.81 0.19
N GLY A 64 -37.41 2.43 1.38
CA GLY A 64 -37.01 1.07 1.63
C GLY A 64 -35.92 0.60 0.69
N CYS A 65 -36.14 -0.59 0.11
CA CYS A 65 -35.20 -1.17 -0.85
C CYS A 65 -35.20 -0.46 -2.18
N ASN A 66 -36.15 0.44 -2.41
CA ASN A 66 -36.22 1.19 -3.65
C ASN A 66 -35.47 2.51 -3.58
N GLY A 67 -34.71 2.74 -2.53
CA GLY A 67 -33.84 3.91 -2.45
C GLY A 67 -34.18 4.80 -1.27
N GLY A 68 -33.27 5.73 -1.01
CA GLY A 68 -33.44 6.64 0.09
C GLY A 68 -32.27 7.62 0.14
N LEU A 69 -32.24 8.38 1.24
CA LEU A 69 -31.21 9.40 1.43
C LEU A 69 -30.72 9.33 2.85
N MET A 70 -29.42 9.56 3.03
CA MET A 70 -28.86 9.54 4.38
C MET A 70 -29.44 10.67 5.24
N ASP A 71 -29.64 11.84 4.65
CA ASP A 71 -30.21 12.96 5.40
C ASP A 71 -31.60 12.61 5.93
N TYR A 72 -32.40 11.93 5.12
CA TYR A 72 -33.71 11.49 5.59
C TYR A 72 -33.56 10.50 6.74
N ALA A 73 -32.52 9.66 6.69
CA ALA A 73 -32.30 8.70 7.77
C ALA A 73 -31.96 9.40 9.08
N PHE A 74 -31.09 10.41 9.02
CA PHE A 74 -30.74 11.14 10.24
C PHE A 74 -31.96 11.84 10.81
N GLN A 75 -32.85 12.33 9.94
CA GLN A 75 -34.05 13.00 10.41
C GLN A 75 -35.00 12.02 11.10
N TYR A 76 -35.05 10.77 10.63
CA TYR A 76 -35.88 9.77 11.30
C TYR A 76 -35.41 9.57 12.73
N VAL A 77 -34.10 9.33 12.92
CA VAL A 77 -33.61 9.05 14.26
C VAL A 77 -33.94 10.19 15.21
N GLN A 78 -33.86 11.44 14.73
CA GLN A 78 -34.21 12.58 15.58
C GLN A 78 -35.71 12.60 15.87
N ASP A 79 -36.52 12.44 14.81
CA ASP A 79 -37.98 12.46 14.99
C ASP A 79 -38.46 11.29 15.83
N ASN A 80 -37.80 10.13 15.69
CA ASN A 80 -38.22 8.91 16.36
C ASN A 80 -37.70 8.82 17.78
N GLY A 81 -36.64 9.56 18.11
CA GLY A 81 -36.08 9.51 19.44
C GLY A 81 -35.20 8.33 19.72
N GLY A 82 -34.74 7.64 18.68
CA GLY A 82 -33.87 6.50 18.88
C GLY A 82 -33.72 5.67 17.63
N LEU A 83 -32.81 4.70 17.73
CA LEU A 83 -32.58 3.73 16.67
C LEU A 83 -32.06 2.46 17.34
N ASP A 84 -32.61 1.33 16.92
CA ASP A 84 -32.28 0.07 17.57
C ASP A 84 -30.93 -0.45 17.10
N SER A 85 -30.32 -1.27 17.95
CA SER A 85 -29.03 -1.87 17.63
C SER A 85 -29.21 -2.95 16.56
N GLU A 86 -28.11 -3.25 15.87
CA GLU A 86 -28.13 -4.29 14.85
C GLU A 86 -28.51 -5.64 15.44
N GLU A 87 -28.03 -5.93 16.66
CA GLU A 87 -28.31 -7.23 17.26
C GLU A 87 -29.78 -7.36 17.63
N SER A 88 -30.42 -6.27 18.06
CA SER A 88 -31.82 -6.34 18.44
C SER A 88 -32.76 -6.34 17.24
N TYR A 89 -32.34 -5.73 16.13
CA TYR A 89 -33.20 -5.51 14.96
C TYR A 89 -32.39 -5.87 13.72
N PRO A 90 -32.15 -7.15 13.49
CA PRO A 90 -31.18 -7.56 12.47
C PRO A 90 -31.71 -7.39 11.05
N TYR A 91 -30.77 -7.44 10.11
CA TYR A 91 -31.03 -7.11 8.71
C TYR A 91 -31.55 -8.32 7.96
N GLU A 92 -32.65 -8.13 7.22
CA GLU A 92 -33.26 -9.20 6.46
C GLU A 92 -33.26 -8.97 4.95
N ALA A 93 -32.82 -7.80 4.48
CA ALA A 93 -32.70 -7.52 3.05
C ALA A 93 -34.07 -7.53 2.37
N THR A 94 -35.07 -7.00 3.05
CA THR A 94 -36.42 -6.91 2.52
C THR A 94 -37.21 -5.94 3.38
N GLU A 95 -38.07 -5.14 2.75
N GLU A 95 -38.08 -5.16 2.73
CA GLU A 95 -38.84 -4.15 3.50
CA GLU A 95 -38.90 -4.18 3.44
C GLU A 95 -40.02 -4.83 4.19
C GLU A 95 -40.01 -4.89 4.21
N GLU A 96 -40.20 -4.52 5.47
CA GLU A 96 -41.29 -5.06 6.28
C GLU A 96 -41.92 -3.93 7.09
N SER A 97 -42.95 -4.27 7.84
CA SER A 97 -43.56 -3.31 8.75
C SER A 97 -42.56 -2.91 9.83
N CYS A 98 -42.75 -1.72 10.38
CA CYS A 98 -41.86 -1.19 11.41
C CYS A 98 -42.02 -1.95 12.71
N LYS A 99 -40.90 -2.39 13.29
CA LYS A 99 -40.88 -3.10 14.56
C LYS A 99 -40.00 -2.41 15.60
N TYR A 100 -39.80 -1.11 15.44
CA TYR A 100 -38.94 -0.39 16.38
C TYR A 100 -39.42 -0.59 17.81
N ASN A 101 -38.45 -0.71 18.74
CA ASN A 101 -38.73 -0.87 20.15
C ASN A 101 -37.79 0.03 20.94
N PRO A 102 -38.31 1.07 21.60
CA PRO A 102 -37.40 2.04 22.25
C PRO A 102 -36.53 1.42 23.33
N LYS A 103 -36.98 0.33 23.96
CA LYS A 103 -36.15 -0.34 24.96
C LYS A 103 -34.78 -0.71 24.41
N TYR A 104 -34.68 -1.01 23.13
CA TYR A 104 -33.43 -1.46 22.53
C TYR A 104 -32.74 -0.38 21.72
N SER A 105 -33.15 0.88 21.88
CA SER A 105 -32.48 1.97 21.21
C SER A 105 -31.10 2.21 21.81
N VAL A 106 -30.13 2.48 20.96
CA VAL A 106 -28.76 2.71 21.42
C VAL A 106 -28.15 3.94 20.75
N ALA A 107 -28.95 4.67 19.96
CA ALA A 107 -28.43 5.82 19.24
C ALA A 107 -29.47 6.93 19.18
N ASN A 108 -28.98 8.16 19.08
CA ASN A 108 -29.82 9.34 18.93
C ASN A 108 -29.04 10.38 18.15
N ASP A 109 -29.76 11.32 17.54
CA ASP A 109 -29.12 12.50 16.94
C ASP A 109 -30.10 13.66 17.01
N ALA A 110 -29.57 14.85 16.79
CA ALA A 110 -30.33 16.09 16.86
C ALA A 110 -30.25 16.88 15.56
N GLY A 111 -30.25 16.17 14.43
CA GLY A 111 -30.16 16.81 13.14
C GLY A 111 -28.95 16.36 12.36
N PHE A 112 -28.57 17.13 11.33
CA PHE A 112 -27.44 16.77 10.50
C PHE A 112 -26.84 18.04 9.91
N VAL A 113 -25.67 17.89 9.31
CA VAL A 113 -24.96 18.98 8.64
C VAL A 113 -24.71 18.55 7.19
N ASP A 114 -25.06 19.43 6.25
CA ASP A 114 -24.75 19.24 4.84
C ASP A 114 -23.46 19.97 4.50
N ILE A 115 -22.50 19.25 3.94
CA ILE A 115 -21.19 19.81 3.63
C ILE A 115 -21.23 20.55 2.30
N PRO A 116 -20.64 21.74 2.20
CA PRO A 116 -20.57 22.42 0.89
C PRO A 116 -19.98 21.50 -0.17
N LYS A 117 -20.39 21.73 -1.42
CA LYS A 117 -20.08 20.83 -2.53
C LYS A 117 -18.69 21.14 -3.11
N GLN A 118 -17.68 20.89 -2.29
CA GLN A 118 -16.30 21.07 -2.69
C GLN A 118 -15.46 20.00 -2.01
N GLU A 119 -14.55 19.38 -2.75
CA GLU A 119 -13.68 18.38 -2.14
C GLU A 119 -12.86 18.98 -1.01
N LYS A 120 -12.51 20.26 -1.11
CA LYS A 120 -11.78 20.92 -0.01
C LYS A 120 -12.64 20.96 1.25
N ALA A 121 -13.94 21.24 1.10
CA ALA A 121 -14.82 21.26 2.27
C ALA A 121 -15.00 19.85 2.84
N LEU A 122 -15.10 18.84 1.97
CA LEU A 122 -15.17 17.46 2.44
C LEU A 122 -13.91 17.09 3.21
N MET A 123 -12.74 17.44 2.66
CA MET A 123 -11.49 17.10 3.33
C MET A 123 -11.48 17.60 4.76
N LYS A 124 -11.96 18.81 4.96
CA LYS A 124 -11.99 19.39 6.26
C LYS A 124 -12.95 18.65 7.18
N ALA A 125 -14.09 18.25 6.67
CA ALA A 125 -15.07 17.52 7.48
C ALA A 125 -14.50 16.19 7.94
N VAL A 126 -13.91 15.41 7.03
CA VAL A 126 -13.34 14.13 7.40
C VAL A 126 -12.24 14.31 8.43
N ALA A 127 -11.44 15.37 8.29
CA ALA A 127 -10.29 15.57 9.16
C ALA A 127 -10.69 15.92 10.59
N THR A 128 -11.87 16.47 10.82
CA THR A 128 -12.24 17.00 12.13
C THR A 128 -13.48 16.37 12.76
N VAL A 129 -14.35 15.74 11.98
CA VAL A 129 -15.61 15.21 12.48
C VAL A 129 -15.54 13.72 12.73
N GLY A 130 -15.14 12.96 11.72
CA GLY A 130 -15.27 11.52 11.73
C GLY A 130 -15.74 11.05 10.37
N PRO A 131 -16.16 9.79 10.27
CA PRO A 131 -16.66 9.28 8.98
C PRO A 131 -17.88 10.06 8.51
N ILE A 132 -17.98 10.21 7.18
CA ILE A 132 -18.94 11.08 6.52
C ILE A 132 -19.74 10.26 5.50
N SER A 133 -21.05 10.45 5.49
CA SER A 133 -21.89 9.83 4.48
C SER A 133 -21.77 10.58 3.17
N VAL A 134 -21.59 9.85 2.07
CA VAL A 134 -21.46 10.45 0.75
C VAL A 134 -22.22 9.61 -0.27
N ALA A 135 -22.53 10.24 -1.40
CA ALA A 135 -23.13 9.58 -2.55
C ALA A 135 -22.14 9.59 -3.71
N ILE A 136 -22.11 8.48 -4.47
CA ILE A 136 -21.20 8.35 -5.60
C ILE A 136 -21.92 7.70 -6.76
N ASP A 137 -21.39 7.93 -7.96
CA ASP A 137 -21.80 7.21 -9.16
C ASP A 137 -21.05 5.89 -9.18
N ALA A 138 -21.71 4.82 -8.75
CA ALA A 138 -21.12 3.49 -8.69
C ALA A 138 -21.53 2.63 -9.88
N GLY A 139 -22.20 3.20 -10.87
CA GLY A 139 -22.81 2.42 -11.94
C GLY A 139 -21.91 2.11 -13.11
N HIS A 140 -20.77 1.48 -12.83
CA HIS A 140 -19.80 1.15 -13.86
C HIS A 140 -19.13 -0.19 -13.56
N GLU A 141 -18.93 -0.96 -14.62
CA GLU A 141 -18.37 -2.31 -14.47
C GLU A 141 -17.04 -2.29 -13.74
N SER A 142 -16.23 -1.25 -13.97
CA SER A 142 -14.94 -1.17 -13.29
C SER A 142 -15.09 -1.07 -11.77
N PHE A 143 -16.20 -0.50 -11.31
CA PHE A 143 -16.44 -0.42 -9.86
C PHE A 143 -16.80 -1.78 -9.29
N LEU A 144 -17.47 -2.62 -10.07
CA LEU A 144 -17.86 -3.95 -9.60
C LEU A 144 -16.64 -4.83 -9.39
N PHE A 145 -15.64 -4.72 -10.27
CA PHE A 145 -14.48 -5.61 -10.25
C PHE A 145 -13.27 -4.98 -9.56
N TYR A 146 -13.44 -3.84 -8.90
CA TYR A 146 -12.35 -3.18 -8.21
C TYR A 146 -11.64 -4.12 -7.25
N LYS A 147 -10.32 -4.13 -7.25
CA LYS A 147 -9.52 -4.97 -6.35
C LYS A 147 -8.56 -4.15 -5.50
N GLU A 148 -7.81 -3.25 -6.12
CA GLU A 148 -6.85 -2.45 -5.42
C GLU A 148 -6.47 -1.21 -6.19
N GLY A 149 -5.76 -0.32 -5.53
CA GLY A 149 -5.31 0.89 -6.13
C GLY A 149 -6.30 2.00 -6.08
N ILE A 150 -5.96 3.10 -6.72
CA ILE A 150 -6.84 4.22 -6.71
C ILE A 150 -7.81 4.08 -7.87
N TYR A 151 -9.11 4.06 -7.60
CA TYR A 151 -10.11 3.93 -8.61
C TYR A 151 -10.38 5.22 -9.32
N PHE A 152 -10.36 5.14 -10.63
CA PHE A 152 -10.66 6.30 -11.47
C PHE A 152 -11.35 5.80 -12.73
N GLU A 153 -12.56 6.28 -12.98
CA GLU A 153 -13.38 5.90 -14.13
C GLU A 153 -13.63 7.11 -14.99
N PRO A 154 -13.06 7.19 -16.20
CA PRO A 154 -13.19 8.44 -16.99
C PRO A 154 -14.61 8.89 -17.26
N ASP A 155 -15.58 7.99 -17.35
CA ASP A 155 -16.94 8.37 -17.68
C ASP A 155 -17.85 8.40 -16.45
N CYS A 156 -17.27 8.46 -15.25
CA CYS A 156 -18.05 8.67 -14.05
C CYS A 156 -18.63 10.07 -14.03
N SER A 157 -19.86 10.20 -13.63
CA SER A 157 -20.48 11.49 -13.57
C SER A 157 -20.39 12.04 -12.18
N SER A 158 -20.38 13.35 -12.06
CA SER A 158 -20.35 13.91 -10.75
C SER A 158 -21.61 14.67 -10.50
N GLU A 159 -22.67 14.31 -11.19
CA GLU A 159 -23.90 15.00 -11.06
C GLU A 159 -24.93 13.94 -10.81
N ASP A 160 -24.65 12.75 -11.30
CA ASP A 160 -25.63 11.68 -11.20
C ASP A 160 -25.05 10.59 -10.30
N MET A 161 -25.42 10.63 -9.03
CA MET A 161 -25.00 9.64 -8.05
C MET A 161 -26.14 8.64 -7.83
N ASP A 162 -25.76 7.38 -7.56
CA ASP A 162 -26.75 6.32 -7.43
C ASP A 162 -26.47 5.38 -6.26
N HIS A 163 -25.46 5.66 -5.44
CA HIS A 163 -25.01 4.72 -4.42
C HIS A 163 -24.47 5.49 -3.23
N GLY A 164 -24.95 5.15 -2.03
CA GLY A 164 -24.51 5.81 -0.80
C GLY A 164 -23.44 4.98 -0.11
N VAL A 165 -22.36 5.65 0.30
CA VAL A 165 -21.23 5.00 0.96
C VAL A 165 -20.73 5.86 2.11
N LEU A 166 -19.58 5.49 2.68
CA LEU A 166 -19.05 6.12 3.89
C LEU A 166 -17.58 6.39 3.70
N VAL A 167 -17.19 7.65 3.75
CA VAL A 167 -15.77 8.04 3.71
C VAL A 167 -15.22 7.99 5.14
N VAL A 168 -14.22 7.13 5.36
CA VAL A 168 -13.61 6.95 6.67
C VAL A 168 -12.21 7.56 6.75
N GLY A 169 -11.74 8.21 5.69
CA GLY A 169 -10.43 8.81 5.71
C GLY A 169 -10.00 9.19 4.31
N TYR A 170 -8.72 9.53 4.19
CA TYR A 170 -8.11 9.87 2.91
C TYR A 170 -6.60 9.76 3.07
N GLY A 171 -5.91 9.65 1.94
CA GLY A 171 -4.47 9.44 1.98
C GLY A 171 -3.84 9.57 0.62
N PHE A 172 -2.67 8.95 0.47
CA PHE A 172 -1.94 9.05 -0.78
C PHE A 172 -1.14 7.77 -1.03
N GLU A 173 -0.79 7.56 -2.30
CA GLU A 173 0.18 6.55 -2.67
C GLU A 173 0.71 6.90 -4.05
N SER A 174 2.02 6.69 -4.25
CA SER A 174 2.62 7.02 -5.52
C SER A 174 2.01 6.19 -6.64
N THR A 175 1.75 6.82 -7.77
CA THR A 175 1.13 6.15 -8.91
C THR A 175 1.84 6.55 -10.20
N GLU A 176 1.61 5.75 -11.24
CA GLU A 176 2.22 6.03 -12.54
C GLU A 176 1.89 7.43 -13.01
N SER A 177 0.66 7.89 -12.82
CA SER A 177 0.19 9.13 -13.44
C SER A 177 0.42 10.35 -12.57
N ASP A 178 0.92 10.17 -11.34
CA ASP A 178 1.15 11.24 -10.38
C ASP A 178 -0.16 11.85 -9.86
N ASN A 179 -1.27 11.12 -10.03
CA ASN A 179 -2.54 11.42 -9.36
C ASN A 179 -2.60 10.49 -8.16
N ASN A 180 -2.11 10.97 -7.01
CA ASN A 180 -1.73 10.10 -5.90
C ASN A 180 -2.68 10.17 -4.71
N LYS A 181 -3.69 11.03 -4.73
CA LYS A 181 -4.53 11.23 -3.56
C LYS A 181 -5.83 10.43 -3.69
N TYR A 182 -6.32 9.93 -2.56
CA TYR A 182 -7.55 9.16 -2.59
C TYR A 182 -8.39 9.38 -1.34
N TRP A 183 -9.69 9.16 -1.52
CA TRP A 183 -10.63 8.99 -0.42
C TRP A 183 -10.72 7.52 -0.06
N LEU A 184 -10.71 7.22 1.23
CA LEU A 184 -10.89 5.86 1.70
C LEU A 184 -12.37 5.64 2.01
N VAL A 185 -13.00 4.70 1.31
CA VAL A 185 -14.44 4.57 1.30
C VAL A 185 -14.83 3.16 1.73
N LYS A 186 -15.76 3.08 2.69
CA LYS A 186 -16.34 1.82 3.12
C LYS A 186 -17.63 1.56 2.35
N ASN A 187 -17.71 0.40 1.71
CA ASN A 187 -18.90 -0.02 0.97
C ASN A 187 -19.73 -0.96 1.82
N SER A 188 -20.91 -1.33 1.29
CA SER A 188 -21.81 -2.26 1.96
C SER A 188 -22.12 -3.46 1.06
N TRP A 189 -21.10 -3.92 0.33
CA TRP A 189 -21.22 -5.07 -0.57
C TRP A 189 -20.49 -6.30 -0.02
N GLY A 190 -20.21 -6.32 1.28
CA GLY A 190 -19.53 -7.46 1.87
C GLY A 190 -18.02 -7.35 1.78
N GLU A 191 -17.36 -8.25 2.49
CA GLU A 191 -15.91 -8.27 2.58
C GLU A 191 -15.25 -8.65 1.26
N GLU A 192 -15.92 -9.51 0.49
CA GLU A 192 -15.38 -10.05 -0.75
C GLU A 192 -15.14 -9.02 -1.85
N TRP A 193 -15.84 -7.89 -1.77
CA TRP A 193 -15.71 -6.85 -2.78
C TRP A 193 -14.54 -5.94 -2.44
N GLY A 194 -13.86 -5.47 -3.48
CA GLY A 194 -12.77 -4.52 -3.31
C GLY A 194 -11.69 -5.07 -2.38
N MET A 195 -11.09 -4.16 -1.62
CA MET A 195 -10.03 -4.52 -0.67
C MET A 195 -10.67 -4.66 0.70
N GLY A 196 -11.07 -5.88 1.03
CA GLY A 196 -11.76 -6.10 2.28
C GLY A 196 -13.03 -5.32 2.42
N GLY A 197 -13.65 -4.94 1.32
CA GLY A 197 -14.88 -4.17 1.33
C GLY A 197 -14.69 -2.68 1.18
N TYR A 198 -13.44 -2.22 1.07
CA TYR A 198 -13.11 -0.81 0.93
C TYR A 198 -12.62 -0.51 -0.48
N VAL A 199 -12.66 0.77 -0.85
CA VAL A 199 -12.14 1.25 -2.12
C VAL A 199 -11.43 2.59 -1.88
N LYS A 200 -10.32 2.79 -2.59
CA LYS A 200 -9.64 4.08 -2.64
C LYS A 200 -10.16 4.83 -3.86
N MET A 201 -10.89 5.91 -3.64
N MET A 201 -10.90 5.91 -3.63
CA MET A 201 -11.49 6.68 -4.72
CA MET A 201 -11.49 6.70 -4.70
C MET A 201 -10.68 7.94 -4.99
C MET A 201 -10.65 7.93 -4.99
N ALA A 202 -10.50 8.24 -6.27
CA ALA A 202 -9.67 9.37 -6.67
C ALA A 202 -10.14 10.67 -6.01
N LYS A 203 -9.17 11.40 -5.47
CA LYS A 203 -9.42 12.63 -4.73
C LYS A 203 -8.77 13.81 -5.44
N ASP A 204 -9.47 14.95 -5.41
CA ASP A 204 -9.01 16.18 -6.05
C ASP A 204 -8.85 15.97 -7.56
N ARG A 205 -9.75 15.18 -8.14
CA ARG A 205 -9.78 14.99 -9.58
C ARG A 205 -11.14 15.38 -10.15
N ARG A 206 -11.49 16.67 -10.04
CA ARG A 206 -12.73 17.19 -10.60
C ARG A 206 -13.96 16.58 -9.95
N ASN A 207 -13.91 16.41 -8.63
CA ASN A 207 -15.01 15.83 -7.86
C ASN A 207 -15.43 14.50 -8.48
N HIS A 208 -14.46 13.59 -8.54
CA HIS A 208 -14.65 12.35 -9.26
C HIS A 208 -15.83 11.55 -8.70
N CYS A 209 -16.71 11.13 -9.60
CA CYS A 209 -17.89 10.32 -9.26
C CYS A 209 -18.82 11.03 -8.29
N GLY A 210 -18.70 12.36 -8.19
CA GLY A 210 -19.61 13.14 -7.35
C GLY A 210 -19.44 12.94 -5.86
N ILE A 211 -18.26 12.54 -5.42
CA ILE A 211 -18.10 12.14 -4.02
C ILE A 211 -18.38 13.30 -3.07
N ALA A 212 -18.19 14.54 -3.53
CA ALA A 212 -18.40 15.71 -2.69
C ALA A 212 -19.74 16.40 -2.95
N SER A 213 -20.59 15.80 -3.78
CA SER A 213 -21.81 16.47 -4.20
C SER A 213 -22.96 16.31 -3.20
N ALA A 214 -22.94 15.30 -2.35
CA ALA A 214 -24.03 15.11 -1.38
C ALA A 214 -23.48 14.45 -0.12
N ALA A 215 -22.61 15.16 0.59
CA ALA A 215 -21.97 14.66 1.79
C ALA A 215 -22.61 15.29 3.02
N SER A 216 -22.72 14.50 4.09
CA SER A 216 -23.37 14.98 5.31
C SER A 216 -23.03 14.03 6.46
N TYR A 217 -23.40 14.45 7.67
CA TYR A 217 -23.18 13.64 8.87
C TYR A 217 -24.17 14.08 9.94
N PRO A 218 -24.48 13.21 10.89
CA PRO A 218 -25.44 13.56 11.93
C PRO A 218 -24.77 14.29 13.07
N THR A 219 -25.55 15.11 13.75
CA THR A 219 -25.09 15.85 14.92
C THR A 219 -25.60 15.13 16.17
N VAL A 220 -24.68 14.65 16.99
CA VAL A 220 -25.06 13.98 18.23
C VAL A 220 -24.47 14.75 19.41
N ARG B 3 24.83 4.02 10.82
CA ARG B 3 24.96 4.73 9.58
C ARG B 3 24.60 6.19 9.72
N SER B 4 25.35 6.99 8.99
CA SER B 4 25.16 8.43 8.89
C SER B 4 25.22 8.82 7.43
N VAL B 5 24.48 9.88 7.08
CA VAL B 5 24.41 10.37 5.70
C VAL B 5 24.48 11.88 5.69
N ASP B 6 25.25 12.42 4.74
CA ASP B 6 25.31 13.87 4.52
C ASP B 6 25.61 14.10 3.03
N TRP B 7 24.57 14.48 2.28
CA TRP B 7 24.74 14.63 0.83
C TRP B 7 25.54 15.88 0.46
N ARG B 8 25.68 16.84 1.38
CA ARG B 8 26.53 17.99 1.11
C ARG B 8 27.97 17.57 0.79
N GLU B 9 28.45 16.51 1.43
CA GLU B 9 29.82 16.06 1.22
C GLU B 9 30.01 15.39 -0.13
N LYS B 10 28.93 15.02 -0.82
CA LYS B 10 29.00 14.39 -2.12
C LYS B 10 28.72 15.37 -3.27
N GLY B 11 28.46 16.63 -2.98
CA GLY B 11 28.29 17.63 -4.01
C GLY B 11 26.87 17.84 -4.47
N TYR B 12 25.88 17.36 -3.72
CA TYR B 12 24.49 17.36 -4.17
C TYR B 12 23.73 18.62 -3.77
N VAL B 13 24.32 19.50 -2.96
CA VAL B 13 23.55 20.53 -2.25
C VAL B 13 24.18 21.90 -2.48
N THR B 14 23.36 22.87 -2.91
CA THR B 14 23.81 24.23 -3.10
C THR B 14 23.83 24.97 -1.77
N PRO B 15 24.46 26.15 -1.71
CA PRO B 15 24.47 26.91 -0.44
C PRO B 15 23.06 27.30 -0.02
N VAL B 16 22.95 27.73 1.23
CA VAL B 16 21.65 28.09 1.80
C VAL B 16 21.14 29.37 1.16
N LYS B 17 19.83 29.41 0.88
CA LYS B 17 19.18 30.56 0.27
C LYS B 17 18.20 31.18 1.26
N ASN B 18 17.68 32.35 0.88
CA ASN B 18 16.79 33.13 1.75
C ASN B 18 15.56 33.51 0.93
N GLN B 19 14.41 33.01 1.34
CA GLN B 19 13.17 33.29 0.64
C GLN B 19 12.61 34.68 0.92
N GLY B 20 13.13 35.37 1.93
CA GLY B 20 12.61 36.69 2.26
C GLY B 20 11.24 36.60 2.89
N GLN B 21 10.49 37.70 2.75
CA GLN B 21 9.12 37.79 3.27
C GLN B 21 8.10 37.33 2.24
N CYS B 22 8.34 36.14 1.68
CA CYS B 22 7.47 35.51 0.70
C CYS B 22 7.21 34.07 1.14
N GLY B 23 5.97 33.62 1.01
CA GLY B 23 5.62 32.27 1.41
C GLY B 23 6.00 31.24 0.37
N SER B 24 7.27 31.20 -0.01
CA SER B 24 7.73 30.40 -1.13
C SER B 24 8.59 29.21 -0.71
N CYS B 25 8.55 28.85 0.58
CA CYS B 25 9.33 27.73 1.08
C CYS B 25 9.22 26.52 0.17
N TRP B 26 8.01 26.25 -0.35
CA TRP B 26 7.81 25.10 -1.23
C TRP B 26 8.71 25.15 -2.45
N ALA B 27 9.00 26.35 -2.94
CA ALA B 27 9.81 26.46 -4.16
C ALA B 27 11.29 26.21 -3.86
N PHE B 28 11.77 26.63 -2.69
CA PHE B 28 13.16 26.36 -2.34
C PHE B 28 13.36 24.89 -1.99
N SER B 29 12.37 24.27 -1.35
CA SER B 29 12.44 22.84 -1.11
C SER B 29 12.44 22.07 -2.43
N ALA B 30 11.59 22.45 -3.37
CA ALA B 30 11.53 21.74 -4.65
C ALA B 30 12.86 21.87 -5.41
N THR B 31 13.39 23.09 -5.51
CA THR B 31 14.63 23.26 -6.27
C THR B 31 15.77 22.49 -5.61
N GLY B 32 15.78 22.41 -4.28
CA GLY B 32 16.80 21.63 -3.60
C GLY B 32 16.73 20.16 -3.99
N ALA B 33 15.53 19.59 -4.01
CA ALA B 33 15.41 18.18 -4.39
C ALA B 33 15.74 17.96 -5.86
N LEU B 34 15.35 18.90 -6.73
CA LEU B 34 15.69 18.76 -8.14
C LEU B 34 17.18 19.01 -8.37
N GLU B 35 17.77 19.96 -7.65
CA GLU B 35 19.20 20.19 -7.74
C GLU B 35 19.99 18.92 -7.43
N GLY B 36 19.56 18.16 -6.42
CA GLY B 36 20.24 16.94 -6.08
C GLY B 36 20.04 15.85 -7.11
N GLN B 37 18.82 15.71 -7.62
CA GLN B 37 18.57 14.67 -8.62
C GLN B 37 19.23 14.99 -9.94
N MET B 38 19.32 16.27 -10.30
CA MET B 38 20.05 16.63 -11.51
C MET B 38 21.54 16.35 -11.35
N PHE B 39 22.10 16.63 -10.17
CA PHE B 39 23.49 16.27 -9.93
C PHE B 39 23.69 14.76 -10.03
N ARG B 40 22.73 14.00 -9.48
CA ARG B 40 22.82 12.54 -9.51
C ARG B 40 22.93 12.01 -10.94
N LYS B 41 22.23 12.64 -11.88
CA LYS B 41 22.15 12.09 -13.23
C LYS B 41 23.06 12.80 -14.24
N THR B 42 23.58 13.99 -13.92
CA THR B 42 24.46 14.71 -14.84
C THR B 42 25.85 14.97 -14.29
N GLY B 43 26.05 14.90 -12.98
CA GLY B 43 27.34 15.24 -12.40
C GLY B 43 27.63 16.72 -12.30
N ARG B 44 26.62 17.56 -12.51
CA ARG B 44 26.80 19.01 -12.45
C ARG B 44 25.79 19.58 -11.49
N LEU B 45 26.27 20.42 -10.57
CA LEU B 45 25.42 21.11 -9.59
C LEU B 45 25.18 22.53 -10.10
N ILE B 46 23.93 22.83 -10.44
CA ILE B 46 23.55 24.16 -10.93
C ILE B 46 22.35 24.63 -10.13
N SER B 47 22.48 25.80 -9.49
CA SER B 47 21.37 26.35 -8.72
C SER B 47 20.21 26.68 -9.63
N LEU B 48 19.00 26.31 -9.20
CA LEU B 48 17.80 26.42 -10.00
C LEU B 48 16.94 27.58 -9.52
N SER B 49 16.08 28.06 -10.42
CA SER B 49 15.35 29.31 -10.20
C SER B 49 14.07 29.04 -9.41
N GLU B 50 14.04 29.54 -8.17
CA GLU B 50 12.80 29.55 -7.42
C GLU B 50 11.79 30.52 -8.01
N GLN B 51 12.25 31.65 -8.56
CA GLN B 51 11.36 32.62 -9.19
C GLN B 51 10.60 31.99 -10.35
N ASN B 52 11.29 31.18 -11.15
CA ASN B 52 10.64 30.42 -12.22
C ASN B 52 9.40 29.69 -11.70
N LEU B 53 9.53 29.02 -10.55
CA LEU B 53 8.41 28.26 -10.00
C LEU B 53 7.34 29.18 -9.42
N VAL B 54 7.75 30.23 -8.72
CA VAL B 54 6.77 31.14 -8.13
C VAL B 54 5.93 31.78 -9.22
N ASP B 55 6.54 32.14 -10.35
CA ASP B 55 5.86 32.90 -11.39
C ASP B 55 5.02 32.03 -12.31
N CYS B 56 5.43 30.77 -12.55
CA CYS B 56 4.87 30.00 -13.66
C CYS B 56 4.11 28.73 -13.27
N SER B 57 4.18 28.26 -12.03
CA SER B 57 3.60 26.96 -11.68
C SER B 57 2.19 27.09 -11.08
N GLY B 58 1.53 28.22 -11.28
CA GLY B 58 0.14 28.36 -10.92
C GLY B 58 -0.76 27.28 -11.50
N PRO B 59 -0.62 26.97 -12.79
CA PRO B 59 -1.52 25.98 -13.40
C PRO B 59 -1.43 24.60 -12.76
N GLN B 60 -0.34 24.29 -12.04
CA GLN B 60 -0.19 23.01 -11.38
C GLN B 60 -0.76 23.01 -9.97
N GLY B 61 -1.21 24.16 -9.47
CA GLY B 61 -1.85 24.25 -8.16
C GLY B 61 -1.18 25.19 -7.20
N ASN B 62 -0.03 25.77 -7.54
CA ASN B 62 0.67 26.64 -6.60
C ASN B 62 0.13 28.06 -6.65
N GLU B 63 0.37 28.79 -5.56
CA GLU B 63 -0.15 30.15 -5.40
C GLU B 63 0.99 31.11 -5.08
N GLY B 64 2.14 30.92 -5.71
CA GLY B 64 3.28 31.80 -5.54
C GLY B 64 3.59 32.13 -4.10
N CYS B 65 3.62 33.42 -3.77
CA CYS B 65 4.02 33.85 -2.44
C CYS B 65 2.97 33.51 -1.37
N ASN B 66 1.79 33.04 -1.77
CA ASN B 66 0.74 32.71 -0.82
C ASN B 66 0.70 31.22 -0.47
N GLY B 67 1.60 30.42 -1.01
CA GLY B 67 1.70 29.02 -0.65
C GLY B 67 1.79 28.13 -1.87
N GLY B 68 2.14 26.88 -1.61
CA GLY B 68 2.33 25.91 -2.68
C GLY B 68 2.79 24.58 -2.12
N LEU B 69 3.06 23.66 -3.04
CA LEU B 69 3.51 22.32 -2.67
C LEU B 69 4.66 21.91 -3.58
N MET B 70 5.61 21.16 -3.02
CA MET B 70 6.73 20.69 -3.82
C MET B 70 6.25 19.80 -4.97
N ASP B 71 5.27 18.93 -4.71
CA ASP B 71 4.79 18.03 -5.76
C ASP B 71 4.25 18.80 -6.95
N TYR B 72 3.53 19.89 -6.69
CA TYR B 72 3.05 20.74 -7.78
C TYR B 72 4.21 21.33 -8.56
N ALA B 73 5.30 21.69 -7.86
CA ALA B 73 6.47 22.23 -8.54
C ALA B 73 7.13 21.17 -9.42
N PHE B 74 7.23 19.93 -8.91
CA PHE B 74 7.83 18.88 -9.73
C PHE B 74 6.97 18.62 -10.96
N GLN B 75 5.64 18.70 -10.82
CA GLN B 75 4.75 18.52 -11.96
C GLN B 75 4.92 19.62 -12.98
N TYR B 76 5.14 20.85 -12.52
CA TYR B 76 5.39 21.95 -13.45
C TYR B 76 6.59 21.66 -14.32
N VAL B 77 7.69 21.23 -13.72
CA VAL B 77 8.91 21.00 -14.51
C VAL B 77 8.62 19.99 -15.61
N GLN B 78 7.88 18.93 -15.28
CA GLN B 78 7.54 17.94 -16.30
C GLN B 78 6.64 18.51 -17.38
N ASP B 79 5.54 19.17 -16.98
CA ASP B 79 4.63 19.72 -17.98
C ASP B 79 5.32 20.75 -18.85
N ASN B 80 6.19 21.56 -18.25
CA ASN B 80 6.83 22.67 -18.92
C ASN B 80 8.02 22.23 -19.77
N GLY B 81 8.60 21.07 -19.49
CA GLY B 81 9.76 20.61 -20.22
C GLY B 81 11.09 21.13 -19.74
N GLY B 82 11.11 21.96 -18.70
CA GLY B 82 12.38 22.48 -18.23
C GLY B 82 12.20 23.45 -17.08
N LEU B 83 13.33 23.97 -16.62
CA LEU B 83 13.36 24.97 -15.55
C LEU B 83 14.66 25.75 -15.67
N ASP B 84 14.56 27.07 -15.64
CA ASP B 84 15.74 27.91 -15.83
C ASP B 84 16.62 27.92 -14.59
N SER B 85 17.88 28.30 -14.80
CA SER B 85 18.85 28.40 -13.72
C SER B 85 18.62 29.65 -12.87
N GLU B 86 19.17 29.62 -11.66
CA GLU B 86 19.07 30.76 -10.76
C GLU B 86 19.76 31.99 -11.36
N GLU B 87 20.92 31.79 -11.98
CA GLU B 87 21.64 32.91 -12.58
C GLU B 87 20.86 33.55 -13.72
N SER B 88 20.09 32.76 -14.46
CA SER B 88 19.36 33.29 -15.60
C SER B 88 18.00 33.88 -15.21
N TYR B 89 17.46 33.49 -14.06
CA TYR B 89 16.10 33.84 -13.65
C TYR B 89 16.13 34.09 -12.15
N PRO B 90 16.78 35.17 -11.71
CA PRO B 90 17.10 35.30 -10.28
C PRO B 90 15.87 35.64 -9.44
N TYR B 91 16.02 35.42 -8.13
CA TYR B 91 14.91 35.51 -7.20
C TYR B 91 14.63 36.96 -6.81
N GLU B 92 13.34 37.31 -6.79
CA GLU B 92 12.89 38.65 -6.50
C GLU B 92 12.00 38.74 -5.26
N ALA B 93 11.56 37.62 -4.71
CA ALA B 93 10.78 37.59 -3.47
C ALA B 93 9.39 38.21 -3.66
N THR B 94 8.86 38.17 -4.87
CA THR B 94 7.52 38.67 -5.14
C THR B 94 7.04 38.00 -6.42
N GLU B 95 5.73 37.75 -6.48
CA GLU B 95 5.18 37.06 -7.65
C GLU B 95 5.08 38.02 -8.82
N GLU B 96 5.47 37.54 -10.00
CA GLU B 96 5.46 38.32 -11.22
C GLU B 96 5.01 37.44 -12.37
N SER B 97 4.83 38.05 -13.54
CA SER B 97 4.45 37.28 -14.72
C SER B 97 5.57 36.33 -15.10
N CYS B 98 5.19 35.21 -15.72
CA CYS B 98 6.14 34.16 -16.04
C CYS B 98 7.07 34.62 -17.16
N LYS B 99 8.37 34.40 -16.96
CA LYS B 99 9.40 34.83 -17.91
C LYS B 99 10.29 33.67 -18.35
N TYR B 100 9.77 32.45 -18.29
CA TYR B 100 10.58 31.28 -18.59
C TYR B 100 11.08 31.31 -20.03
N ASN B 101 12.31 30.89 -20.23
CA ASN B 101 12.92 30.79 -21.56
C ASN B 101 13.55 29.41 -21.72
N PRO B 102 13.03 28.56 -22.62
CA PRO B 102 13.61 27.21 -22.74
C PRO B 102 15.10 27.20 -23.03
N LYS B 103 15.65 28.27 -23.57
CA LYS B 103 17.08 28.28 -23.92
C LYS B 103 17.97 28.24 -22.69
N TYR B 104 17.47 28.68 -21.53
CA TYR B 104 18.25 28.69 -20.30
C TYR B 104 17.84 27.57 -19.34
N SER B 105 17.04 26.62 -19.80
CA SER B 105 16.64 25.52 -18.94
C SER B 105 17.83 24.61 -18.67
N VAL B 106 17.98 24.24 -17.42
CA VAL B 106 19.04 23.35 -17.03
C VAL B 106 18.55 22.16 -16.22
N ALA B 107 17.26 21.91 -16.17
CA ALA B 107 16.74 20.79 -15.42
C ALA B 107 15.45 20.29 -16.02
N ASN B 108 15.07 19.07 -15.68
CA ASN B 108 13.88 18.43 -16.18
C ASN B 108 13.53 17.26 -15.28
N ASP B 109 12.32 16.73 -15.40
CA ASP B 109 11.91 15.56 -14.67
C ASP B 109 10.77 14.85 -15.37
N ALA B 110 10.47 13.64 -14.96
CA ALA B 110 9.34 12.88 -15.49
C ALA B 110 8.40 12.49 -14.36
N GLY B 111 7.91 13.46 -13.62
CA GLY B 111 7.03 13.22 -12.51
C GLY B 111 7.73 13.29 -11.17
N PHE B 112 7.11 12.67 -10.17
CA PHE B 112 7.66 12.68 -8.81
C PHE B 112 7.22 11.42 -8.08
N VAL B 113 7.80 11.24 -6.89
CA VAL B 113 7.61 10.06 -6.06
C VAL B 113 7.20 10.52 -4.67
N ASP B 114 6.07 10.02 -4.16
CA ASP B 114 5.60 10.26 -2.80
C ASP B 114 6.01 9.09 -1.93
N ILE B 115 6.85 9.34 -0.93
CA ILE B 115 7.37 8.28 -0.06
C ILE B 115 6.29 7.87 0.94
N PRO B 116 6.14 6.57 1.22
CA PRO B 116 5.16 6.16 2.24
C PRO B 116 5.41 6.83 3.57
N LYS B 117 4.33 7.05 4.32
CA LYS B 117 4.38 7.84 5.56
C LYS B 117 4.97 7.05 6.72
N GLN B 118 6.24 6.67 6.56
CA GLN B 118 6.97 5.98 7.61
C GLN B 118 8.38 6.55 7.67
N GLU B 119 8.86 6.81 8.89
CA GLU B 119 10.20 7.37 9.04
C GLU B 119 11.27 6.44 8.48
N LYS B 120 11.07 5.13 8.58
CA LYS B 120 12.03 4.19 8.01
C LYS B 120 12.04 4.27 6.48
N ALA B 121 10.88 4.51 5.87
CA ALA B 121 10.84 4.69 4.43
C ALA B 121 11.59 5.95 4.02
N LEU B 122 11.41 7.04 4.78
CA LEU B 122 12.19 8.26 4.53
C LEU B 122 13.67 7.98 4.68
N MET B 123 14.05 7.21 5.71
CA MET B 123 15.46 6.91 5.91
C MET B 123 16.05 6.17 4.71
N LYS B 124 15.29 5.23 4.14
CA LYS B 124 15.77 4.50 2.97
C LYS B 124 15.95 5.42 1.77
N ALA B 125 14.98 6.31 1.54
CA ALA B 125 15.08 7.25 0.41
C ALA B 125 16.28 8.17 0.57
N VAL B 126 16.48 8.72 1.76
CA VAL B 126 17.61 9.63 1.97
C VAL B 126 18.92 8.91 1.74
N ALA B 127 18.99 7.63 2.14
CA ALA B 127 20.25 6.89 2.01
C ALA B 127 20.55 6.52 0.56
N THR B 128 19.55 6.42 -0.28
CA THR B 128 19.75 5.86 -1.62
C THR B 128 19.44 6.83 -2.76
N VAL B 129 18.60 7.82 -2.55
CA VAL B 129 18.16 8.74 -3.62
C VAL B 129 18.96 10.04 -3.60
N GLY B 130 19.08 10.65 -2.43
CA GLY B 130 19.63 11.99 -2.31
C GLY B 130 18.76 12.85 -1.44
N PRO B 131 18.92 14.17 -1.50
CA PRO B 131 18.07 15.06 -0.70
C PRO B 131 16.59 14.91 -1.06
N ILE B 132 15.75 14.98 -0.03
CA ILE B 132 14.33 14.71 -0.12
C ILE B 132 13.56 15.94 0.34
N SER B 133 12.50 16.29 -0.40
CA SER B 133 11.60 17.37 0.00
C SER B 133 10.66 16.88 1.08
N VAL B 134 10.48 17.67 2.16
CA VAL B 134 9.60 17.27 3.24
C VAL B 134 8.83 18.48 3.73
N ALA B 135 7.67 18.19 4.35
CA ALA B 135 6.87 19.19 5.03
C ALA B 135 6.96 18.96 6.54
N ILE B 136 7.06 20.05 7.30
CA ILE B 136 7.13 19.96 8.75
C ILE B 136 6.19 20.99 9.38
N ASP B 137 5.80 20.72 10.61
CA ASP B 137 5.08 21.70 11.42
C ASP B 137 6.12 22.63 12.04
N ALA B 138 6.33 23.78 11.40
CA ALA B 138 7.28 24.78 11.88
C ALA B 138 6.60 25.96 12.58
N GLY B 139 5.29 25.85 12.83
CA GLY B 139 4.54 26.96 13.38
C GLY B 139 4.66 27.13 14.88
N HIS B 140 5.89 27.17 15.38
CA HIS B 140 6.12 27.32 16.81
C HIS B 140 7.32 28.22 17.05
N GLU B 141 7.25 29.00 18.12
CA GLU B 141 8.31 29.95 18.46
C GLU B 141 9.68 29.27 18.46
N SER B 142 9.77 28.09 19.11
CA SER B 142 11.06 27.42 19.25
C SER B 142 11.73 27.18 17.91
N PHE B 143 10.95 26.99 16.83
CA PHE B 143 11.56 26.80 15.52
C PHE B 143 12.07 28.12 14.95
N LEU B 144 11.26 29.18 15.06
CA LEU B 144 11.72 30.50 14.63
C LEU B 144 13.06 30.85 15.27
N PHE B 145 13.21 30.55 16.56
CA PHE B 145 14.37 30.97 17.34
C PHE B 145 15.45 29.88 17.42
N TYR B 146 15.31 28.81 16.65
CA TYR B 146 16.27 27.72 16.73
C TYR B 146 17.66 28.20 16.33
N LYS B 147 18.66 27.73 17.06
CA LYS B 147 20.06 28.07 16.82
C LYS B 147 20.96 26.85 16.72
N GLU B 148 20.77 25.85 17.59
CA GLU B 148 21.65 24.70 17.65
C GLU B 148 20.96 23.60 18.44
N GLY B 149 21.40 22.37 18.21
CA GLY B 149 20.89 21.21 18.93
C GLY B 149 19.93 20.39 18.10
N ILE B 150 19.43 19.33 18.71
CA ILE B 150 18.43 18.47 18.09
C ILE B 150 17.06 19.02 18.45
N TYR B 151 16.35 19.53 17.44
CA TYR B 151 15.10 20.24 17.69
C TYR B 151 14.00 19.27 18.09
N PHE B 152 13.35 19.57 19.22
CA PHE B 152 12.20 18.80 19.70
C PHE B 152 11.22 19.77 20.33
N GLU B 153 10.01 19.86 19.78
CA GLU B 153 8.96 20.72 20.29
C GLU B 153 7.80 19.84 20.76
N PRO B 154 7.55 19.73 22.07
CA PRO B 154 6.49 18.83 22.53
C PRO B 154 5.10 19.15 21.97
N ASP B 155 4.86 20.38 21.53
CA ASP B 155 3.56 20.77 20.98
C ASP B 155 3.48 20.58 19.47
N CYS B 156 4.46 19.90 18.87
CA CYS B 156 4.50 19.77 17.42
C CYS B 156 3.50 18.70 16.95
N SER B 157 2.88 18.97 15.80
CA SER B 157 1.91 18.04 15.22
C SER B 157 2.60 17.15 14.19
N SER B 158 2.25 15.87 14.22
CA SER B 158 2.74 14.92 13.22
C SER B 158 1.90 14.92 11.95
N GLU B 159 0.77 15.63 11.98
CA GLU B 159 -0.14 15.65 10.87
C GLU B 159 -0.35 16.97 10.18
N ASP B 160 -0.33 18.06 10.92
CA ASP B 160 -0.58 19.41 10.38
C ASP B 160 0.75 20.10 10.17
N MET B 161 1.23 20.09 8.92
CA MET B 161 2.48 20.74 8.55
C MET B 161 2.19 22.03 7.79
N ASP B 162 3.16 22.94 7.82
CA ASP B 162 2.96 24.27 7.23
C ASP B 162 4.21 24.84 6.56
N HIS B 163 5.29 24.08 6.42
CA HIS B 163 6.56 24.61 5.96
C HIS B 163 7.32 23.53 5.19
N GLY B 164 7.85 23.90 4.03
CA GLY B 164 8.60 22.96 3.20
C GLY B 164 10.10 23.16 3.36
N VAL B 165 10.80 22.06 3.64
CA VAL B 165 12.25 22.09 3.78
C VAL B 165 12.87 20.89 3.04
N LEU B 166 14.18 20.69 3.22
CA LEU B 166 14.91 19.67 2.47
C LEU B 166 15.76 18.86 3.43
N VAL B 167 15.50 17.56 3.49
CA VAL B 167 16.34 16.64 4.26
C VAL B 167 17.57 16.30 3.43
N VAL B 168 18.76 16.57 3.96
CA VAL B 168 19.99 16.29 3.24
C VAL B 168 20.80 15.17 3.88
N GLY B 169 20.33 14.61 5.00
CA GLY B 169 21.00 13.48 5.60
C GLY B 169 20.40 13.16 6.95
N TYR B 170 21.14 12.38 7.72
CA TYR B 170 20.71 11.98 9.05
C TYR B 170 21.92 11.44 9.81
N GLY B 171 21.81 11.46 11.12
CA GLY B 171 22.89 10.98 11.96
C GLY B 171 22.41 10.63 13.34
N PHE B 172 23.36 10.51 14.25
CA PHE B 172 23.06 10.12 15.59
C PHE B 172 24.08 10.66 16.54
N GLU B 173 23.72 10.66 17.81
CA GLU B 173 24.57 11.21 18.86
C GLU B 173 25.77 10.33 19.17
N SER B 174 25.57 9.01 19.30
CA SER B 174 26.66 8.06 19.57
C SER B 174 26.17 6.66 19.22
N ASN B 179 20.81 6.27 20.42
CA ASN B 179 19.85 7.18 21.04
C ASN B 179 20.02 8.61 20.51
N ASN B 180 18.94 9.38 20.56
CA ASN B 180 18.90 10.74 20.03
C ASN B 180 19.48 10.81 18.61
N LYS B 181 18.70 10.29 17.68
CA LYS B 181 18.98 10.41 16.27
C LYS B 181 18.39 11.70 15.73
N TYR B 182 18.82 12.10 14.54
CA TYR B 182 18.32 13.34 13.97
C TYR B 182 18.36 13.32 12.45
N TRP B 183 17.46 14.09 11.85
CA TRP B 183 17.50 14.42 10.43
C TRP B 183 18.27 15.72 10.25
N LEU B 184 19.08 15.80 9.20
CA LEU B 184 19.77 17.04 8.84
C LEU B 184 18.96 17.75 7.76
N VAL B 185 18.50 18.96 8.07
CA VAL B 185 17.51 19.66 7.26
C VAL B 185 18.08 21.01 6.85
N LYS B 186 17.97 21.31 5.56
CA LYS B 186 18.33 22.61 5.00
C LYS B 186 17.06 23.47 4.90
N ASN B 187 17.09 24.64 5.51
CA ASN B 187 16.00 25.61 5.48
C ASN B 187 16.31 26.70 4.47
N SER B 188 15.32 27.55 4.21
CA SER B 188 15.46 28.63 3.24
C SER B 188 15.23 30.00 3.87
N TRP B 189 15.66 30.15 5.13
CA TRP B 189 15.53 31.40 5.85
C TRP B 189 16.86 32.14 5.98
N GLY B 190 17.82 31.86 5.11
CA GLY B 190 19.14 32.46 5.18
C GLY B 190 20.06 31.69 6.11
N GLU B 191 21.35 32.04 6.02
CA GLU B 191 22.35 31.35 6.82
C GLU B 191 22.49 31.92 8.22
N GLU B 192 21.85 33.05 8.52
CA GLU B 192 21.85 33.59 9.86
C GLU B 192 20.87 32.86 10.78
N TRP B 193 19.88 32.17 10.22
CA TRP B 193 18.97 31.37 11.02
C TRP B 193 19.58 30.01 11.32
N GLY B 194 19.33 29.50 12.52
CA GLY B 194 19.78 28.17 12.88
C GLY B 194 21.28 28.03 12.78
N MET B 195 21.70 26.83 12.33
CA MET B 195 23.12 26.47 12.27
C MET B 195 23.59 26.64 10.83
N GLY B 196 23.93 27.88 10.49
CA GLY B 196 24.27 28.18 9.10
C GLY B 196 23.11 27.97 8.13
N GLY B 197 21.88 28.09 8.61
CA GLY B 197 20.71 27.82 7.82
C GLY B 197 20.18 26.40 7.92
N TYR B 198 20.82 25.54 8.72
CA TYR B 198 20.43 24.15 8.88
C TYR B 198 19.85 23.90 10.27
N VAL B 199 19.11 22.81 10.38
CA VAL B 199 18.52 22.38 11.65
C VAL B 199 18.65 20.87 11.76
N LYS B 200 18.91 20.39 12.98
CA LYS B 200 18.88 18.97 13.30
C LYS B 200 17.55 18.66 13.97
N MET B 201 16.73 17.84 13.31
N MET B 201 16.74 17.83 13.32
CA MET B 201 15.39 17.54 13.78
CA MET B 201 15.39 17.53 13.78
C MET B 201 15.32 16.13 14.36
C MET B 201 15.32 16.13 14.36
N ALA B 202 14.60 15.99 15.48
CA ALA B 202 14.44 14.71 16.14
C ALA B 202 14.01 13.63 15.16
N LYS B 203 14.72 12.51 15.18
CA LYS B 203 14.50 11.39 14.27
C LYS B 203 14.03 10.18 15.06
N ASP B 204 13.07 9.44 14.48
CA ASP B 204 12.54 8.22 15.06
C ASP B 204 11.97 8.45 16.45
N ARG B 205 11.25 9.57 16.61
CA ARG B 205 10.52 9.88 17.84
C ARG B 205 9.07 10.17 17.44
N ARG B 206 8.39 9.14 16.94
CA ARG B 206 6.97 9.21 16.57
C ARG B 206 6.72 10.25 15.49
N ASN B 207 7.54 10.21 14.44
CA ASN B 207 7.40 11.09 13.28
C ASN B 207 7.28 12.55 13.72
N HIS B 208 8.28 12.99 14.47
CA HIS B 208 8.20 14.29 15.11
C HIS B 208 8.05 15.41 14.10
N CYS B 209 7.05 16.27 14.32
CA CYS B 209 6.74 17.43 13.48
C CYS B 209 6.31 17.03 12.07
N GLY B 210 5.99 15.76 11.85
CA GLY B 210 5.44 15.32 10.59
C GLY B 210 6.44 15.18 9.47
N ILE B 211 7.71 14.95 9.79
CA ILE B 211 8.75 15.03 8.77
C ILE B 211 8.59 13.94 7.71
N ALA B 212 8.03 12.78 8.07
CA ALA B 212 7.82 11.70 7.11
C ALA B 212 6.38 11.65 6.59
N SER B 213 5.55 12.64 6.94
CA SER B 213 4.14 12.57 6.56
C SER B 213 3.89 13.02 5.12
N ALA B 214 4.82 13.74 4.50
CA ALA B 214 4.60 14.26 3.14
C ALA B 214 5.94 14.47 2.44
N ALA B 215 6.72 13.40 2.31
CA ALA B 215 8.06 13.45 1.74
C ALA B 215 8.00 13.03 0.28
N SER B 216 8.80 13.68 -0.56
CA SER B 216 8.76 13.39 -2.01
C SER B 216 10.06 13.86 -2.67
N TYR B 217 10.24 13.44 -3.92
CA TYR B 217 11.36 13.87 -4.75
C TYR B 217 11.00 13.65 -6.21
N PRO B 218 11.64 14.36 -7.11
CA PRO B 218 11.34 14.24 -8.54
C PRO B 218 11.98 13.07 -9.24
N THR B 219 11.31 12.52 -10.23
CA THR B 219 11.84 11.41 -10.99
C THR B 219 12.76 11.93 -12.07
N VAL B 220 14.04 11.65 -11.97
CA VAL B 220 14.96 12.12 -12.97
C VAL B 220 15.76 10.94 -13.49
N PRO C 2 -21.40 -21.78 18.97
CA PRO C 2 -22.41 -21.67 17.91
C PRO C 2 -21.96 -22.20 16.56
N ARG C 3 -22.82 -22.03 15.55
CA ARG C 3 -22.49 -22.51 14.21
C ARG C 3 -21.42 -21.64 13.56
N SER C 4 -21.49 -20.33 13.78
CA SER C 4 -20.57 -19.38 13.17
C SER C 4 -20.28 -18.28 14.18
N VAL C 5 -19.03 -17.82 14.20
CA VAL C 5 -18.59 -16.81 15.16
C VAL C 5 -17.65 -15.85 14.44
N ASP C 6 -17.81 -14.55 14.72
CA ASP C 6 -16.93 -13.53 14.15
C ASP C 6 -16.76 -12.44 15.20
N TRP C 7 -15.62 -12.45 15.90
CA TRP C 7 -15.42 -11.54 17.01
C TRP C 7 -15.21 -10.09 16.55
N ARG C 8 -14.92 -9.87 15.28
CA ARG C 8 -14.85 -8.51 14.77
C ARG C 8 -16.17 -7.78 14.96
N GLU C 9 -17.29 -8.51 14.85
CA GLU C 9 -18.61 -7.91 14.98
C GLU C 9 -18.89 -7.43 16.39
N LYS C 10 -18.22 -7.99 17.39
CA LYS C 10 -18.42 -7.59 18.78
C LYS C 10 -17.42 -6.54 19.24
N GLY C 11 -16.46 -6.17 18.41
CA GLY C 11 -15.53 -5.11 18.75
C GLY C 11 -14.24 -5.58 19.38
N TYR C 12 -13.84 -6.82 19.18
CA TYR C 12 -12.66 -7.39 19.82
C TYR C 12 -11.37 -7.18 19.04
N VAL C 13 -11.43 -6.67 17.80
CA VAL C 13 -10.34 -6.77 16.86
C VAL C 13 -9.99 -5.41 16.30
N THR C 14 -8.71 -5.06 16.36
CA THR C 14 -8.21 -3.82 15.76
C THR C 14 -8.01 -4.01 14.26
N PRO C 15 -7.76 -2.93 13.52
CA PRO C 15 -7.54 -3.06 12.07
C PRO C 15 -6.26 -3.82 11.78
N VAL C 16 -6.16 -4.27 10.52
CA VAL C 16 -5.01 -5.06 10.10
C VAL C 16 -3.77 -4.18 10.07
N LYS C 17 -2.66 -4.75 10.53
CA LYS C 17 -1.36 -4.09 10.59
C LYS C 17 -0.40 -4.78 9.63
N ASN C 18 0.80 -4.21 9.52
CA ASN C 18 1.81 -4.68 8.57
C ASN C 18 3.15 -4.75 9.26
N GLN C 19 3.68 -5.96 9.38
CA GLN C 19 4.96 -6.19 10.04
C GLN C 19 6.15 -5.83 9.16
N GLY C 20 5.93 -5.53 7.89
CA GLY C 20 7.04 -5.18 7.03
C GLY C 20 7.98 -6.36 6.84
N GLN C 21 9.25 -6.05 6.64
CA GLN C 21 10.29 -7.05 6.40
C GLN C 21 11.02 -7.42 7.69
N CYS C 22 10.25 -7.68 8.75
CA CYS C 22 10.77 -8.10 10.05
C CYS C 22 10.03 -9.36 10.46
N GLY C 23 10.75 -10.32 11.06
CA GLY C 23 10.17 -11.58 11.46
C GLY C 23 9.45 -11.47 12.79
N SER C 24 8.47 -10.56 12.86
CA SER C 24 7.79 -10.23 14.11
C SER C 24 6.34 -10.67 14.12
N CYS C 25 5.97 -11.65 13.29
CA CYS C 25 4.60 -12.14 13.25
C CYS C 25 4.10 -12.51 14.64
N TRP C 26 4.98 -13.13 15.45
CA TRP C 26 4.61 -13.54 16.80
C TRP C 26 4.15 -12.36 17.65
N ALA C 27 4.74 -11.18 17.43
CA ALA C 27 4.37 -10.01 18.21
C ALA C 27 2.98 -9.51 17.83
N PHE C 28 2.63 -9.53 16.55
CA PHE C 28 1.32 -9.08 16.10
C PHE C 28 0.23 -10.04 16.54
N SER C 29 0.50 -11.34 16.48
CA SER C 29 -0.46 -12.33 16.98
C SER C 29 -0.70 -12.16 18.47
N ALA C 30 0.36 -11.87 19.22
CA ALA C 30 0.23 -11.72 20.66
C ALA C 30 -0.58 -10.46 21.01
N THR C 31 -0.32 -9.36 20.32
CA THR C 31 -1.07 -8.14 20.64
C THR C 31 -2.53 -8.30 20.25
N GLY C 32 -2.80 -9.01 19.16
CA GLY C 32 -4.19 -9.26 18.77
C GLY C 32 -4.95 -10.02 19.84
N ALA C 33 -4.34 -11.11 20.35
CA ALA C 33 -5.00 -11.88 21.41
C ALA C 33 -5.17 -11.03 22.66
N LEU C 34 -4.12 -10.32 23.08
CA LEU C 34 -4.24 -9.48 24.27
C LEU C 34 -5.22 -8.33 24.03
N GLU C 35 -5.27 -7.79 22.81
CA GLU C 35 -6.25 -6.76 22.50
C GLU C 35 -7.66 -7.24 22.79
N GLY C 36 -7.99 -8.47 22.35
CA GLY C 36 -9.33 -8.98 22.52
C GLY C 36 -9.66 -9.30 23.97
N GLN C 37 -8.70 -9.87 24.71
CA GLN C 37 -8.95 -10.18 26.10
C GLN C 37 -9.03 -8.91 26.95
N MET C 38 -8.27 -7.87 26.58
CA MET C 38 -8.40 -6.60 27.28
C MET C 38 -9.77 -5.99 27.04
N PHE C 39 -10.25 -6.04 25.79
CA PHE C 39 -11.60 -5.57 25.51
C PHE C 39 -12.64 -6.40 26.25
N ARG C 40 -12.49 -7.72 26.24
CA ARG C 40 -13.43 -8.58 26.96
C ARG C 40 -13.50 -8.22 28.44
N LYS C 41 -12.41 -7.70 28.99
CA LYS C 41 -12.33 -7.41 30.41
C LYS C 41 -12.67 -5.98 30.77
N THR C 42 -12.39 -5.03 29.87
CA THR C 42 -12.53 -3.61 30.16
C THR C 42 -13.55 -2.89 29.29
N GLY C 43 -13.91 -3.45 28.14
CA GLY C 43 -14.80 -2.77 27.24
C GLY C 43 -14.14 -1.75 26.34
N ARG C 44 -12.81 -1.68 26.38
CA ARG C 44 -12.06 -0.71 25.60
C ARG C 44 -11.12 -1.44 24.65
N LEU C 45 -11.15 -1.04 23.39
CA LEU C 45 -10.30 -1.61 22.35
C LEU C 45 -9.17 -0.62 22.09
N ILE C 46 -7.94 -1.01 22.46
CA ILE C 46 -6.77 -0.17 22.30
C ILE C 46 -5.69 -0.98 21.61
N SER C 47 -5.15 -0.43 20.52
CA SER C 47 -4.07 -1.09 19.80
C SER C 47 -2.81 -1.13 20.67
N LEU C 48 -2.17 -2.29 20.69
CA LEU C 48 -1.01 -2.52 21.54
C LEU C 48 0.28 -2.49 20.73
N SER C 49 1.39 -2.22 21.42
CA SER C 49 2.67 -1.95 20.76
C SER C 49 3.43 -3.24 20.50
N GLU C 50 3.51 -3.64 19.23
CA GLU C 50 4.37 -4.76 18.87
C GLU C 50 5.84 -4.40 19.07
N GLN C 51 6.21 -3.14 18.86
CA GLN C 51 7.61 -2.74 19.05
C GLN C 51 8.06 -2.98 20.49
N ASN C 52 7.16 -2.73 21.44
CA ASN C 52 7.41 -3.02 22.85
C ASN C 52 7.83 -4.49 23.03
N LEU C 53 7.09 -5.40 22.39
CA LEU C 53 7.43 -6.81 22.49
C LEU C 53 8.74 -7.12 21.79
N VAL C 54 8.93 -6.60 20.56
CA VAL C 54 10.14 -6.91 19.81
C VAL C 54 11.38 -6.45 20.57
N ASP C 55 11.30 -5.29 21.23
CA ASP C 55 12.49 -4.68 21.82
C ASP C 55 12.80 -5.23 23.21
N CYS C 56 11.80 -5.74 23.93
CA CYS C 56 11.91 -5.93 25.37
C CYS C 56 11.71 -7.36 25.86
N SER C 57 11.19 -8.27 25.03
CA SER C 57 10.83 -9.60 25.51
C SER C 57 11.91 -10.65 25.26
N GLY C 58 13.16 -10.23 24.99
CA GLY C 58 14.26 -11.14 24.91
C GLY C 58 14.51 -11.99 26.14
N PRO C 59 14.42 -11.44 27.34
CA PRO C 59 14.67 -12.27 28.53
C PRO C 59 13.71 -13.43 28.67
N GLN C 60 12.53 -13.34 28.05
CA GLN C 60 11.55 -14.41 28.07
C GLN C 60 11.75 -15.45 26.96
N GLY C 61 12.68 -15.21 26.05
CA GLY C 61 13.02 -16.19 25.02
C GLY C 61 12.81 -15.71 23.60
N ASN C 62 12.21 -14.55 23.38
CA ASN C 62 11.98 -14.06 22.03
C ASN C 62 13.27 -13.47 21.45
N GLU C 63 13.33 -13.44 20.12
CA GLU C 63 14.54 -13.01 19.41
C GLU C 63 14.21 -11.94 18.38
N GLY C 64 13.29 -11.04 18.74
CA GLY C 64 13.06 -9.85 17.92
C GLY C 64 12.66 -10.20 16.51
N CYS C 65 13.29 -9.53 15.55
CA CYS C 65 12.98 -9.76 14.14
C CYS C 65 13.44 -11.12 13.66
N ASN C 66 14.16 -11.88 14.47
CA ASN C 66 14.61 -13.21 14.10
C ASN C 66 13.70 -14.31 14.64
N GLY C 67 12.53 -13.94 15.16
CA GLY C 67 11.55 -14.93 15.57
C GLY C 67 11.19 -14.88 17.03
N GLY C 68 10.05 -15.47 17.38
CA GLY C 68 9.62 -15.50 18.77
C GLY C 68 8.39 -16.37 18.92
N LEU C 69 7.78 -16.28 20.10
CA LEU C 69 6.58 -17.04 20.41
C LEU C 69 5.57 -16.14 21.12
N MET C 70 4.30 -16.34 20.78
CA MET C 70 3.24 -15.59 21.45
C MET C 70 3.23 -15.86 22.95
N ASP C 71 3.48 -17.12 23.35
CA ASP C 71 3.50 -17.44 24.78
C ASP C 71 4.61 -16.68 25.49
N TYR C 72 5.79 -16.56 24.87
CA TYR C 72 6.86 -15.77 25.47
C TYR C 72 6.44 -14.31 25.60
N ALA C 73 5.69 -13.80 24.63
CA ALA C 73 5.19 -12.43 24.71
C ALA C 73 4.20 -12.26 25.86
N PHE C 74 3.27 -13.20 26.01
CA PHE C 74 2.35 -13.11 27.13
C PHE C 74 3.10 -13.16 28.46
N GLN C 75 4.14 -13.99 28.53
CA GLN C 75 4.93 -14.09 29.76
C GLN C 75 5.63 -12.77 30.07
N TYR C 76 6.10 -12.07 29.04
CA TYR C 76 6.76 -10.79 29.26
C TYR C 76 5.80 -9.76 29.84
N VAL C 77 4.57 -9.70 29.32
CA VAL C 77 3.62 -8.73 29.83
C VAL C 77 3.34 -8.98 31.31
N GLN C 78 3.26 -10.25 31.70
CA GLN C 78 3.10 -10.58 33.12
C GLN C 78 4.31 -10.14 33.92
N ASP C 79 5.51 -10.51 33.46
CA ASP C 79 6.72 -10.19 34.21
C ASP C 79 6.95 -8.69 34.27
N ASN C 80 6.62 -7.98 33.18
CA ASN C 80 6.85 -6.55 33.08
C ASN C 80 5.80 -5.74 33.81
N GLY C 81 4.63 -6.31 34.07
CA GLY C 81 3.57 -5.57 34.71
C GLY C 81 2.82 -4.60 33.82
N GLY C 82 3.02 -4.69 32.51
CA GLY C 82 2.33 -3.79 31.59
C GLY C 82 2.85 -3.92 30.19
N LEU C 83 2.15 -3.22 29.29
CA LEU C 83 2.52 -3.15 27.87
C LEU C 83 2.00 -1.82 27.32
N ASP C 84 2.87 -1.09 26.62
CA ASP C 84 2.50 0.21 26.11
C ASP C 84 1.58 0.10 24.89
N SER C 85 0.89 1.19 24.60
CA SER C 85 -0.02 1.25 23.46
C SER C 85 0.77 1.47 22.17
N GLU C 86 0.15 1.07 21.06
CA GLU C 86 0.74 1.32 19.75
C GLU C 86 1.01 2.80 19.56
N GLU C 87 0.05 3.64 19.94
CA GLU C 87 0.20 5.08 19.75
C GLU C 87 1.43 5.62 20.48
N SER C 88 1.68 5.14 21.70
CA SER C 88 2.81 5.68 22.46
C SER C 88 4.14 5.10 22.00
N TYR C 89 4.13 3.88 21.48
CA TYR C 89 5.35 3.10 21.20
C TYR C 89 5.20 2.47 19.83
N PRO C 90 5.25 3.28 18.77
CA PRO C 90 4.85 2.80 17.45
C PRO C 90 5.91 1.92 16.79
N TYR C 91 5.48 1.28 15.70
CA TYR C 91 6.22 0.18 15.09
C TYR C 91 7.29 0.70 14.13
N GLU C 92 8.53 0.24 14.32
CA GLU C 92 9.63 0.63 13.46
C GLU C 92 10.10 -0.47 12.52
N ALA C 93 9.63 -1.71 12.70
CA ALA C 93 10.07 -2.84 11.88
C ALA C 93 11.57 -3.12 12.00
N THR C 94 12.18 -2.68 13.09
CA THR C 94 13.57 -2.94 13.40
C THR C 94 13.70 -3.07 14.91
N GLU C 95 14.59 -3.94 15.36
CA GLU C 95 14.75 -4.18 16.80
C GLU C 95 15.73 -3.16 17.40
N GLU C 96 15.30 -2.52 18.47
CA GLU C 96 16.08 -1.50 19.17
C GLU C 96 16.06 -1.78 20.66
N SER C 97 16.78 -0.95 21.42
CA SER C 97 16.77 -1.08 22.87
C SER C 97 15.35 -0.86 23.41
N CYS C 98 15.09 -1.43 24.58
CA CYS C 98 13.78 -1.32 25.22
C CYS C 98 13.52 0.12 25.65
N LYS C 99 12.34 0.62 25.32
CA LYS C 99 11.95 1.99 25.67
C LYS C 99 10.64 2.01 26.44
N TYR C 100 10.28 0.89 27.07
CA TYR C 100 9.01 0.81 27.78
C TYR C 100 8.91 1.87 28.87
N ASN C 101 7.72 2.45 29.01
CA ASN C 101 7.42 3.41 30.06
C ASN C 101 6.13 2.95 30.73
N PRO C 102 6.15 2.64 32.03
CA PRO C 102 4.92 2.13 32.67
C PRO C 102 3.78 3.14 32.66
N LYS C 103 4.09 4.43 32.58
CA LYS C 103 3.04 5.44 32.56
C LYS C 103 2.10 5.26 31.38
N TYR C 104 2.57 4.65 30.30
CA TYR C 104 1.77 4.49 29.09
C TYR C 104 1.25 3.08 28.92
N SER C 105 1.35 2.26 29.97
CA SER C 105 0.80 0.91 29.89
C SER C 105 -0.71 0.97 29.79
N VAL C 106 -1.27 0.13 28.92
CA VAL C 106 -2.72 0.02 28.76
C VAL C 106 -3.19 -1.41 28.88
N ALA C 107 -2.29 -2.37 29.12
CA ALA C 107 -2.65 -3.77 29.20
C ALA C 107 -1.77 -4.48 30.21
N ASN C 108 -2.28 -5.60 30.71
CA ASN C 108 -1.57 -6.49 31.63
C ASN C 108 -2.18 -7.87 31.44
N ASP C 109 -1.46 -8.89 31.88
CA ASP C 109 -2.04 -10.23 31.94
C ASP C 109 -1.47 -10.97 33.13
N ALA C 110 -2.20 -12.01 33.54
CA ALA C 110 -1.82 -12.86 34.67
C ALA C 110 -1.32 -14.22 34.21
N GLY C 111 -0.73 -14.27 33.02
CA GLY C 111 -0.28 -15.52 32.45
C GLY C 111 -0.97 -15.82 31.14
N PHE C 112 -1.01 -17.08 30.75
CA PHE C 112 -1.59 -17.47 29.47
C PHE C 112 -2.05 -18.91 29.59
N VAL C 113 -2.87 -19.32 28.62
CA VAL C 113 -3.47 -20.65 28.59
C VAL C 113 -3.22 -21.25 27.22
N ASP C 114 -2.73 -22.48 27.20
CA ASP C 114 -2.49 -23.23 25.97
C ASP C 114 -3.64 -24.21 25.74
N ILE C 115 -4.07 -24.33 24.48
CA ILE C 115 -5.22 -25.16 24.13
C ILE C 115 -4.71 -26.52 23.68
N PRO C 116 -5.40 -27.61 24.00
CA PRO C 116 -4.95 -28.94 23.53
C PRO C 116 -4.94 -29.01 22.00
N LYS C 117 -4.17 -29.96 21.49
CA LYS C 117 -3.86 -30.03 20.06
C LYS C 117 -4.95 -30.77 19.28
N GLN C 118 -6.17 -30.23 19.34
CA GLN C 118 -7.28 -30.76 18.58
C GLN C 118 -8.18 -29.60 18.17
N GLU C 119 -8.74 -29.68 16.96
CA GLU C 119 -9.47 -28.54 16.41
C GLU C 119 -10.79 -28.30 17.14
N LYS C 120 -11.40 -29.35 17.69
CA LYS C 120 -12.64 -29.15 18.44
C LYS C 120 -12.40 -28.36 19.72
N ALA C 121 -11.22 -28.53 20.34
CA ALA C 121 -10.87 -27.70 21.49
C ALA C 121 -10.69 -26.26 21.07
N LEU C 122 -10.05 -26.02 19.91
CA LEU C 122 -9.90 -24.67 19.41
C LEU C 122 -11.26 -24.05 19.12
N MET C 123 -12.16 -24.81 18.50
CA MET C 123 -13.50 -24.29 18.23
C MET C 123 -14.16 -23.82 19.52
N LYS C 124 -14.07 -24.63 20.58
CA LYS C 124 -14.72 -24.25 21.84
C LYS C 124 -14.07 -23.02 22.46
N ALA C 125 -12.74 -22.92 22.38
CA ALA C 125 -12.06 -21.73 22.89
C ALA C 125 -12.48 -20.49 22.11
N VAL C 126 -12.42 -20.56 20.77
CA VAL C 126 -12.87 -19.42 19.96
C VAL C 126 -14.30 -19.06 20.32
N ALA C 127 -15.15 -20.07 20.54
CA ALA C 127 -16.56 -19.81 20.76
C ALA C 127 -16.86 -19.22 22.13
N THR C 128 -15.94 -19.31 23.09
CA THR C 128 -16.20 -18.88 24.45
C THR C 128 -15.22 -17.85 25.00
N VAL C 129 -14.01 -17.76 24.47
CA VAL C 129 -12.98 -16.87 24.99
C VAL C 129 -12.85 -15.60 24.15
N GLY C 130 -12.66 -15.76 22.84
CA GLY C 130 -12.35 -14.65 21.97
C GLY C 130 -11.29 -15.03 20.96
N PRO C 131 -10.67 -14.02 20.32
CA PRO C 131 -9.60 -14.33 19.37
C PRO C 131 -8.46 -15.09 20.02
N ILE C 132 -7.85 -16.00 19.27
CA ILE C 132 -6.86 -16.93 19.78
C ILE C 132 -5.60 -16.81 18.93
N SER C 133 -4.45 -16.77 19.59
CA SER C 133 -3.17 -16.84 18.88
C SER C 133 -2.91 -18.27 18.44
N VAL C 134 -2.50 -18.45 17.19
CA VAL C 134 -2.18 -19.76 16.64
C VAL C 134 -0.95 -19.66 15.75
N ALA C 135 -0.27 -20.79 15.58
CA ALA C 135 0.84 -20.92 14.63
C ALA C 135 0.40 -21.79 13.47
N ILE C 136 0.87 -21.45 12.26
CA ILE C 136 0.51 -22.17 11.04
C ILE C 136 1.76 -22.35 10.18
N ASP C 137 1.66 -23.31 9.25
CA ASP C 137 2.69 -23.51 8.23
C ASP C 137 2.35 -22.62 7.05
N ALA C 138 2.94 -21.43 7.01
CA ALA C 138 2.69 -20.47 5.95
C ALA C 138 3.80 -20.45 4.90
N GLY C 139 4.74 -21.39 4.97
CA GLY C 139 5.90 -21.37 4.10
C GLY C 139 5.65 -21.94 2.72
N HIS C 140 4.60 -21.48 2.06
CA HIS C 140 4.25 -21.98 0.73
C HIS C 140 3.84 -20.84 -0.17
N GLU C 141 4.25 -20.93 -1.43
CA GLU C 141 3.95 -19.89 -2.41
C GLU C 141 2.46 -19.54 -2.41
N SER C 142 1.60 -20.56 -2.27
CA SER C 142 0.17 -20.33 -2.38
C SER C 142 -0.34 -19.40 -1.26
N PHE C 143 0.28 -19.45 -0.08
CA PHE C 143 -0.12 -18.55 0.99
C PHE C 143 0.34 -17.13 0.71
N LEU C 144 1.54 -16.97 0.14
CA LEU C 144 2.01 -15.64 -0.25
C LEU C 144 1.05 -14.97 -1.21
N PHE C 145 0.50 -15.73 -2.16
CA PHE C 145 -0.34 -15.18 -3.20
C PHE C 145 -1.83 -15.30 -2.89
N TYR C 146 -2.18 -15.69 -1.67
CA TYR C 146 -3.58 -15.87 -1.32
C TYR C 146 -4.34 -14.55 -1.48
N LYS C 147 -5.55 -14.65 -2.02
CA LYS C 147 -6.41 -13.50 -2.27
C LYS C 147 -7.84 -13.73 -1.81
N GLU C 148 -8.37 -14.94 -1.98
CA GLU C 148 -9.75 -15.23 -1.68
C GLU C 148 -9.94 -16.74 -1.57
N GLY C 149 -10.99 -17.14 -0.87
CA GLY C 149 -11.40 -18.53 -0.82
C GLY C 149 -10.90 -19.23 0.42
N ILE C 150 -11.30 -20.49 0.54
CA ILE C 150 -10.87 -21.31 1.66
C ILE C 150 -9.51 -21.90 1.30
N TYR C 151 -8.48 -21.51 2.05
CA TYR C 151 -7.11 -21.87 1.73
C TYR C 151 -6.83 -23.31 2.11
N PHE C 152 -6.34 -24.08 1.13
CA PHE C 152 -5.89 -25.45 1.37
C PHE C 152 -4.63 -25.69 0.55
N GLU C 153 -3.58 -26.13 1.22
CA GLU C 153 -2.29 -26.44 0.58
C GLU C 153 -1.99 -27.91 0.80
N PRO C 154 -2.02 -28.76 -0.23
CA PRO C 154 -1.81 -30.20 0.01
C PRO C 154 -0.44 -30.55 0.57
N ASP C 155 0.53 -29.64 0.53
CA ASP C 155 1.86 -29.89 1.05
C ASP C 155 2.10 -29.21 2.40
N CYS C 156 1.05 -28.74 3.06
CA CYS C 156 1.21 -28.09 4.36
C CYS C 156 1.59 -29.12 5.41
N SER C 157 2.47 -28.72 6.33
CA SER C 157 2.89 -29.56 7.44
C SER C 157 2.05 -29.22 8.67
N SER C 158 1.52 -30.24 9.32
CA SER C 158 0.77 -30.07 10.55
C SER C 158 1.67 -30.06 11.79
N GLU C 159 2.98 -30.18 11.61
CA GLU C 159 3.92 -30.23 12.72
C GLU C 159 5.00 -29.17 12.65
N ASP C 160 5.24 -28.58 11.49
CA ASP C 160 6.32 -27.60 11.29
C ASP C 160 5.70 -26.25 10.95
N MET C 161 5.49 -25.43 11.97
CA MET C 161 4.92 -24.13 11.80
C MET C 161 5.97 -23.07 11.77
N ASP C 162 5.68 -21.98 11.09
CA ASP C 162 6.66 -20.91 10.96
C ASP C 162 6.05 -19.52 11.03
N HIS C 163 4.75 -19.38 11.27
CA HIS C 163 4.09 -18.09 11.20
C HIS C 163 2.97 -18.00 12.23
N GLY C 164 2.96 -16.91 12.99
CA GLY C 164 1.94 -16.68 14.00
C GLY C 164 0.86 -15.76 13.47
N VAL C 165 -0.39 -16.14 13.70
CA VAL C 165 -1.55 -15.37 13.25
C VAL C 165 -2.62 -15.41 14.32
N LEU C 166 -3.80 -14.88 14.01
CA LEU C 166 -4.87 -14.71 14.99
C LEU C 166 -6.16 -15.29 14.43
N VAL C 167 -6.73 -16.27 15.14
CA VAL C 167 -8.04 -16.79 14.78
C VAL C 167 -9.09 -15.89 15.43
N VAL C 168 -9.93 -15.27 14.60
CA VAL C 168 -10.98 -14.39 15.09
C VAL C 168 -12.36 -14.99 14.92
N GLY C 169 -12.48 -16.18 14.37
CA GLY C 169 -13.77 -16.81 14.21
C GLY C 169 -13.69 -18.04 13.33
N TYR C 170 -14.87 -18.59 13.03
CA TYR C 170 -14.98 -19.76 12.18
C TYR C 170 -16.36 -19.79 11.56
N GLY C 171 -16.48 -20.54 10.48
CA GLY C 171 -17.75 -20.64 9.78
C GLY C 171 -17.83 -21.86 8.89
N PHE C 172 -18.86 -21.92 8.07
CA PHE C 172 -19.09 -23.05 7.20
C PHE C 172 -19.38 -22.58 5.79
N GLU C 173 -19.22 -23.49 4.84
CA GLU C 173 -19.45 -23.18 3.43
C GLU C 173 -20.69 -23.89 2.89
N SER C 174 -21.80 -23.82 3.62
CA SER C 174 -23.05 -24.50 3.24
C SER C 174 -24.22 -24.06 4.09
N ASN C 179 -19.44 -29.53 3.79
CA ASN C 179 -18.27 -30.03 4.49
C ASN C 179 -17.04 -29.20 4.15
N ASN C 180 -17.24 -27.89 3.99
CA ASN C 180 -16.17 -26.96 3.66
C ASN C 180 -16.13 -25.86 4.73
N LYS C 181 -15.81 -26.25 5.96
CA LYS C 181 -15.73 -25.31 7.06
C LYS C 181 -14.37 -24.63 7.07
N TYR C 182 -14.28 -23.51 7.78
CA TYR C 182 -13.07 -22.72 7.76
C TYR C 182 -12.86 -21.97 9.06
N TRP C 183 -11.60 -21.61 9.29
CA TRP C 183 -11.20 -20.69 10.34
C TRP C 183 -11.01 -19.30 9.73
N LEU C 184 -11.54 -18.28 10.40
CA LEU C 184 -11.28 -16.90 10.02
C LEU C 184 -10.03 -16.40 10.73
N VAL C 185 -9.07 -15.87 9.96
CA VAL C 185 -7.72 -15.63 10.47
C VAL C 185 -7.26 -14.23 10.05
N LYS C 186 -6.82 -13.44 11.03
CA LYS C 186 -6.23 -12.14 10.80
C LYS C 186 -4.70 -12.30 10.68
N ASN C 187 -4.16 -11.90 9.53
CA ASN C 187 -2.72 -11.87 9.30
C ASN C 187 -2.18 -10.47 9.55
N SER C 188 -0.85 -10.35 9.55
CA SER C 188 -0.19 -9.06 9.78
C SER C 188 0.70 -8.68 8.60
N TRP C 189 0.21 -8.91 7.38
CA TRP C 189 0.95 -8.57 6.17
C TRP C 189 0.34 -7.39 5.43
N GLY C 190 -0.48 -6.59 6.11
CA GLY C 190 -1.10 -5.45 5.50
C GLY C 190 -2.46 -5.75 4.88
N GLU C 191 -3.15 -4.66 4.52
CA GLU C 191 -4.48 -4.78 3.92
C GLU C 191 -4.41 -5.29 2.49
N GLU C 192 -3.28 -5.12 1.83
N GLU C 192 -3.27 -5.09 1.82
CA GLU C 192 -3.15 -5.54 0.44
CA GLU C 192 -3.13 -5.50 0.43
C GLU C 192 -3.02 -7.04 0.25
C GLU C 192 -2.94 -6.99 0.25
N TRP C 193 -2.81 -7.76 1.33
CA TRP C 193 -2.63 -9.19 1.24
C TRP C 193 -3.97 -9.87 1.54
N GLY C 194 -4.24 -10.95 0.81
CA GLY C 194 -5.45 -11.73 1.09
C GLY C 194 -6.73 -10.93 0.92
N MET C 195 -7.68 -11.20 1.81
CA MET C 195 -9.01 -10.58 1.76
C MET C 195 -9.02 -9.46 2.80
N GLY C 196 -8.57 -8.28 2.38
CA GLY C 196 -8.41 -7.19 3.33
C GLY C 196 -7.49 -7.52 4.48
N GLY C 197 -6.52 -8.41 4.26
CA GLY C 197 -5.60 -8.82 5.30
C GLY C 197 -5.98 -10.10 6.02
N TYR C 198 -7.13 -10.68 5.72
CA TYR C 198 -7.61 -11.90 6.34
C TYR C 198 -7.51 -13.08 5.38
N VAL C 199 -7.59 -14.28 5.96
CA VAL C 199 -7.58 -15.52 5.20
C VAL C 199 -8.55 -16.50 5.84
N LYS C 200 -9.25 -17.27 5.01
CA LYS C 200 -10.07 -18.37 5.46
C LYS C 200 -9.28 -19.66 5.32
N MET C 201 -9.06 -20.36 6.43
CA MET C 201 -8.24 -21.56 6.46
C MET C 201 -9.10 -22.79 6.67
N ALA C 202 -8.69 -23.89 6.03
CA ALA C 202 -9.44 -25.13 6.10
C ALA C 202 -9.62 -25.57 7.56
N LYS C 203 -10.87 -25.84 7.92
CA LYS C 203 -11.24 -26.27 9.27
C LYS C 203 -11.74 -27.71 9.24
N ASP C 204 -11.31 -28.48 10.23
CA ASP C 204 -11.73 -29.88 10.38
C ASP C 204 -11.21 -30.75 9.23
N ARG C 205 -9.99 -30.47 8.78
CA ARG C 205 -9.36 -31.24 7.71
C ARG C 205 -7.97 -31.71 8.18
N ARG C 206 -7.95 -32.54 9.21
N ARG C 206 -7.96 -32.52 9.22
CA ARG C 206 -6.71 -33.15 9.70
CA ARG C 206 -6.75 -33.15 9.74
C ARG C 206 -5.74 -32.11 10.26
C ARG C 206 -5.75 -32.11 10.24
N ASN C 207 -6.26 -31.16 11.02
CA ASN C 207 -5.46 -30.08 11.59
C ASN C 207 -4.57 -29.44 10.52
N HIS C 208 -5.24 -28.82 9.55
CA HIS C 208 -4.56 -28.35 8.36
C HIS C 208 -3.58 -27.23 8.70
N CYS C 209 -2.34 -27.39 8.25
CA CYS C 209 -1.27 -26.42 8.46
C CYS C 209 -0.97 -26.20 9.94
N GLY C 210 -1.35 -27.15 10.79
CA GLY C 210 -1.04 -27.08 12.21
C GLY C 210 -1.72 -25.97 12.96
N ILE C 211 -2.93 -25.59 12.54
CA ILE C 211 -3.60 -24.43 13.13
C ILE C 211 -3.88 -24.66 14.61
N ALA C 212 -4.16 -25.91 15.01
CA ALA C 212 -4.49 -26.21 16.39
C ALA C 212 -3.31 -26.77 17.17
N SER C 213 -2.10 -26.75 16.59
CA SER C 213 -0.95 -27.37 17.24
C SER C 213 -0.30 -26.48 18.28
N ALA C 214 -0.53 -25.17 18.22
CA ALA C 214 0.09 -24.24 19.16
C ALA C 214 -0.80 -23.01 19.35
N ALA C 215 -2.01 -23.23 19.84
CA ALA C 215 -2.97 -22.16 20.10
C ALA C 215 -2.90 -21.78 21.57
N SER C 216 -3.15 -20.50 21.87
CA SER C 216 -3.07 -20.00 23.23
C SER C 216 -3.67 -18.61 23.29
N TYR C 217 -3.91 -18.14 24.51
CA TYR C 217 -4.44 -16.81 24.74
C TYR C 217 -4.03 -16.34 26.13
N PRO C 218 -4.01 -15.03 26.36
CA PRO C 218 -3.59 -14.53 27.67
C PRO C 218 -4.74 -14.50 28.67
N THR C 219 -4.41 -14.80 29.94
CA THR C 219 -5.40 -14.73 31.01
C THR C 219 -5.38 -13.32 31.59
N VAL C 220 -6.50 -12.62 31.48
CA VAL C 220 -6.59 -11.25 31.93
C VAL C 220 -7.66 -11.14 33.02
N ARG D 3 -0.01 4.33 -29.02
N ARG D 3 -1.77 4.24 -28.87
CA ARG D 3 -0.77 3.13 -29.32
CA ARG D 3 -0.93 3.13 -29.31
C ARG D 3 -0.59 2.09 -28.23
C ARG D 3 -0.76 2.10 -28.19
N SER D 4 -0.89 0.83 -28.56
CA SER D 4 -0.76 -0.25 -27.60
C SER D 4 -0.34 -1.49 -28.37
N VAL D 5 0.18 -2.47 -27.63
CA VAL D 5 0.69 -3.71 -28.20
C VAL D 5 0.35 -4.83 -27.23
N ASP D 6 -0.10 -5.97 -27.76
CA ASP D 6 -0.30 -7.16 -26.94
C ASP D 6 0.01 -8.36 -27.83
N TRP D 7 1.20 -8.92 -27.70
CA TRP D 7 1.60 -10.04 -28.56
C TRP D 7 0.84 -11.32 -28.23
N ARG D 8 0.19 -11.40 -27.07
CA ARG D 8 -0.66 -12.54 -26.78
C ARG D 8 -1.75 -12.70 -27.83
N GLU D 9 -2.29 -11.58 -28.30
CA GLU D 9 -3.38 -11.61 -29.28
C GLU D 9 -2.93 -12.14 -30.63
N LYS D 10 -1.64 -12.05 -30.93
CA LYS D 10 -1.10 -12.46 -32.23
C LYS D 10 -0.55 -13.88 -32.22
N GLY D 11 -0.62 -14.57 -31.09
CA GLY D 11 -0.22 -15.96 -31.03
C GLY D 11 1.21 -16.21 -30.60
N TYR D 12 1.90 -15.19 -30.11
CA TYR D 12 3.32 -15.27 -29.84
C TYR D 12 3.66 -15.81 -28.45
N VAL D 13 2.68 -16.02 -27.57
CA VAL D 13 2.96 -16.16 -26.13
C VAL D 13 2.30 -17.42 -25.57
N THR D 14 3.08 -18.24 -24.90
CA THR D 14 2.58 -19.44 -24.24
C THR D 14 1.92 -19.08 -22.91
N PRO D 15 1.13 -19.99 -22.34
CA PRO D 15 0.50 -19.71 -21.05
C PRO D 15 1.55 -19.51 -19.95
N VAL D 16 1.10 -18.96 -18.84
CA VAL D 16 1.98 -18.67 -17.71
C VAL D 16 2.46 -19.95 -17.08
N LYS D 17 3.75 -19.99 -16.74
CA LYS D 17 4.36 -21.13 -16.08
C LYS D 17 4.78 -20.72 -14.67
N ASN D 18 5.29 -21.68 -13.91
CA ASN D 18 5.65 -21.48 -12.51
C ASN D 18 7.03 -22.06 -12.27
N GLN D 19 7.99 -21.19 -11.96
CA GLN D 19 9.36 -21.63 -11.71
C GLN D 19 9.51 -22.33 -10.36
N GLY D 20 8.50 -22.29 -9.51
CA GLY D 20 8.62 -22.89 -8.20
C GLY D 20 9.67 -22.18 -7.35
N GLN D 21 10.24 -22.92 -6.42
CA GLN D 21 11.26 -22.38 -5.51
C GLN D 21 12.66 -22.64 -6.06
N CYS D 22 12.89 -22.17 -7.28
CA CYS D 22 14.18 -22.22 -7.95
C CYS D 22 14.48 -20.85 -8.53
N GLY D 23 15.75 -20.45 -8.51
CA GLY D 23 16.15 -19.16 -9.07
C GLY D 23 16.35 -19.19 -10.58
N SER D 24 15.33 -19.63 -11.30
CA SER D 24 15.43 -19.86 -12.74
C SER D 24 14.60 -18.87 -13.56
N CYS D 25 14.22 -17.74 -12.95
CA CYS D 25 13.48 -16.71 -13.68
C CYS D 25 14.12 -16.43 -15.04
N TRP D 26 15.45 -16.34 -15.10
CA TRP D 26 16.15 -16.01 -16.35
C TRP D 26 15.86 -17.03 -17.44
N ALA D 27 15.65 -18.29 -17.08
CA ALA D 27 15.34 -19.30 -18.07
C ALA D 27 13.93 -19.12 -18.64
N PHE D 28 12.98 -18.73 -17.78
CA PHE D 28 11.62 -18.50 -18.26
C PHE D 28 11.53 -17.24 -19.13
N SER D 29 12.25 -16.20 -18.75
CA SER D 29 12.34 -15.02 -19.60
C SER D 29 12.94 -15.39 -20.95
N ALA D 30 14.00 -16.20 -20.96
CA ALA D 30 14.67 -16.52 -22.21
C ALA D 30 13.79 -17.37 -23.12
N THR D 31 13.15 -18.40 -22.57
CA THR D 31 12.29 -19.23 -23.42
C THR D 31 11.13 -18.42 -23.98
N GLY D 32 10.55 -17.54 -23.16
CA GLY D 32 9.45 -16.71 -23.64
C GLY D 32 9.85 -15.87 -24.84
N ALA D 33 11.05 -15.27 -24.80
CA ALA D 33 11.49 -14.48 -25.94
C ALA D 33 11.79 -15.36 -27.15
N LEU D 34 12.35 -16.54 -26.92
CA LEU D 34 12.67 -17.43 -28.05
C LEU D 34 11.40 -18.06 -28.62
N GLU D 35 10.43 -18.37 -27.77
CA GLU D 35 9.12 -18.82 -28.25
C GLU D 35 8.51 -17.80 -29.20
N GLY D 36 8.63 -16.52 -28.87
CA GLY D 36 8.04 -15.49 -29.71
C GLY D 36 8.74 -15.37 -31.05
N GLN D 37 10.07 -15.43 -31.06
CA GLN D 37 10.80 -15.31 -32.31
C GLN D 37 10.68 -16.55 -33.17
N MET D 38 10.59 -17.73 -32.56
CA MET D 38 10.36 -18.93 -33.35
C MET D 38 8.99 -18.90 -34.01
N PHE D 39 7.97 -18.42 -33.28
CA PHE D 39 6.65 -18.26 -33.90
C PHE D 39 6.72 -17.29 -35.06
N ARG D 40 7.37 -16.15 -34.86
CA ARG D 40 7.50 -15.16 -35.92
C ARG D 40 8.12 -15.75 -37.17
N LYS D 41 9.01 -16.73 -37.01
CA LYS D 41 9.70 -17.31 -38.15
C LYS D 41 8.93 -18.45 -38.80
N THR D 42 8.33 -19.33 -38.01
CA THR D 42 7.67 -20.52 -38.54
C THR D 42 6.16 -20.47 -38.48
N GLY D 43 5.58 -19.64 -37.61
CA GLY D 43 4.14 -19.60 -37.46
C GLY D 43 3.58 -20.64 -36.52
N ARG D 44 4.42 -21.36 -35.79
CA ARG D 44 3.98 -22.35 -34.82
C ARG D 44 4.52 -21.96 -33.45
N LEU D 45 3.63 -21.98 -32.45
CA LEU D 45 4.00 -21.66 -31.06
C LEU D 45 4.24 -22.98 -30.33
N ILE D 46 5.48 -23.20 -29.90
CA ILE D 46 5.87 -24.42 -29.21
C ILE D 46 6.57 -24.03 -27.91
N SER D 47 6.05 -24.51 -26.78
CA SER D 47 6.63 -24.21 -25.49
C SER D 47 7.99 -24.87 -25.34
N LEU D 48 8.97 -24.11 -24.85
CA LEU D 48 10.35 -24.55 -24.79
C LEU D 48 10.77 -24.90 -23.37
N SER D 49 11.82 -25.70 -23.27
CA SER D 49 12.24 -26.32 -22.01
C SER D 49 13.13 -25.36 -21.23
N GLU D 50 12.61 -24.86 -20.11
CA GLU D 50 13.46 -24.13 -19.17
C GLU D 50 14.46 -25.06 -18.51
N GLN D 51 14.05 -26.31 -18.25
CA GLN D 51 14.96 -27.27 -17.65
C GLN D 51 16.18 -27.49 -18.53
N ASN D 52 15.99 -27.50 -19.86
CA ASN D 52 17.12 -27.57 -20.78
C ASN D 52 18.12 -26.47 -20.49
N LEU D 53 17.65 -25.24 -20.29
CA LEU D 53 18.56 -24.13 -20.00
C LEU D 53 19.18 -24.27 -18.61
N VAL D 54 18.38 -24.67 -17.62
CA VAL D 54 18.90 -24.77 -16.25
C VAL D 54 20.04 -25.78 -16.18
N ASP D 55 19.86 -26.93 -16.82
CA ASP D 55 20.83 -28.02 -16.69
C ASP D 55 22.06 -27.84 -17.57
N CYS D 56 21.94 -27.12 -18.69
CA CYS D 56 22.92 -27.22 -19.76
C CYS D 56 23.69 -25.94 -20.06
N SER D 57 23.21 -24.76 -19.67
CA SER D 57 23.80 -23.51 -20.12
C SER D 57 24.84 -22.96 -19.13
N GLY D 58 25.34 -23.80 -18.22
CA GLY D 58 26.45 -23.41 -17.37
C GLY D 58 27.67 -22.94 -18.11
N PRO D 59 28.09 -23.62 -19.18
CA PRO D 59 29.32 -23.19 -19.88
C PRO D 59 29.24 -21.80 -20.46
N GLN D 60 28.04 -21.29 -20.69
CA GLN D 60 27.88 -19.92 -21.17
C GLN D 60 27.85 -18.89 -20.05
N GLY D 61 27.84 -19.33 -18.80
CA GLY D 61 27.93 -18.43 -17.65
C GLY D 61 26.81 -18.55 -16.66
N ASN D 62 25.75 -19.30 -16.95
CA ASN D 62 24.62 -19.40 -16.03
C ASN D 62 24.94 -20.35 -14.88
N GLU D 63 24.15 -20.25 -13.83
CA GLU D 63 24.37 -21.00 -12.60
C GLU D 63 23.07 -21.63 -12.11
N GLY D 64 22.26 -22.11 -13.03
CA GLY D 64 21.11 -22.93 -12.68
C GLY D 64 20.13 -22.23 -11.75
N CYS D 65 19.76 -22.92 -10.68
CA CYS D 65 18.83 -22.36 -9.71
C CYS D 65 19.45 -21.24 -8.87
N ASN D 66 20.74 -20.96 -9.05
CA ASN D 66 21.40 -19.87 -8.35
C ASN D 66 21.51 -18.60 -9.17
N GLY D 67 20.96 -18.58 -10.38
CA GLY D 67 20.85 -17.36 -11.17
C GLY D 67 21.47 -17.52 -12.53
N GLY D 68 21.15 -16.55 -13.38
N GLY D 68 21.15 -16.55 -13.38
CA GLY D 68 21.66 -16.56 -14.74
CA GLY D 68 21.66 -16.56 -14.74
C GLY D 68 21.29 -15.28 -15.47
C GLY D 68 21.29 -15.28 -15.47
N LEU D 69 21.53 -15.31 -16.78
CA LEU D 69 21.25 -14.17 -17.66
C LEU D 69 20.57 -14.68 -18.92
N MET D 70 19.61 -13.90 -19.42
CA MET D 70 18.92 -14.28 -20.65
C MET D 70 19.88 -14.31 -21.84
N ASP D 71 20.83 -13.37 -21.88
CA ASP D 71 21.79 -13.36 -22.98
C ASP D 71 22.63 -14.62 -22.99
N TYR D 72 23.04 -15.10 -21.81
CA TYR D 72 23.79 -16.35 -21.72
C TYR D 72 22.95 -17.52 -22.24
N ALA D 73 21.65 -17.51 -21.97
CA ALA D 73 20.78 -18.55 -22.49
C ALA D 73 20.70 -18.47 -24.02
N PHE D 74 20.57 -17.27 -24.57
CA PHE D 74 20.54 -17.14 -26.03
C PHE D 74 21.86 -17.62 -26.63
N GLN D 75 22.97 -17.37 -25.93
CA GLN D 75 24.27 -17.82 -26.41
C GLN D 75 24.35 -19.34 -26.39
N TYR D 76 23.73 -19.98 -25.40
CA TYR D 76 23.76 -21.44 -25.34
C TYR D 76 23.06 -22.04 -26.55
N VAL D 77 21.83 -21.59 -26.82
CA VAL D 77 21.09 -22.12 -27.96
C VAL D 77 21.89 -21.97 -29.24
N GLN D 78 22.54 -20.82 -29.43
CA GLN D 78 23.38 -20.62 -30.61
C GLN D 78 24.52 -21.63 -30.63
N ASP D 79 25.29 -21.71 -29.53
CA ASP D 79 26.40 -22.65 -29.47
C ASP D 79 25.92 -24.10 -29.60
N ASN D 80 24.81 -24.42 -28.96
CA ASN D 80 24.33 -25.79 -28.86
C ASN D 80 23.62 -26.25 -30.13
N GLY D 81 23.19 -25.32 -30.98
CA GLY D 81 22.49 -25.68 -32.19
C GLY D 81 21.04 -26.05 -32.01
N GLY D 82 20.44 -25.78 -30.85
CA GLY D 82 19.05 -26.10 -30.65
C GLY D 82 18.64 -26.01 -29.19
N LEU D 83 17.35 -26.26 -28.97
CA LEU D 83 16.76 -26.27 -27.63
C LEU D 83 15.51 -27.14 -27.67
N ASP D 84 15.37 -28.02 -26.69
CA ASP D 84 14.29 -28.99 -26.71
C ASP D 84 12.96 -28.35 -26.29
N SER D 85 11.88 -29.03 -26.66
CA SER D 85 10.54 -28.59 -26.28
C SER D 85 10.29 -28.85 -24.80
N GLU D 86 9.35 -28.09 -24.23
CA GLU D 86 8.94 -28.31 -22.85
C GLU D 86 8.38 -29.72 -22.67
N GLU D 87 7.64 -30.22 -23.66
CA GLU D 87 7.03 -31.53 -23.53
C GLU D 87 8.09 -32.63 -23.46
N SER D 88 9.15 -32.50 -24.26
CA SER D 88 10.20 -33.51 -24.29
C SER D 88 11.16 -33.41 -23.11
N TYR D 89 11.22 -32.26 -22.45
CA TYR D 89 12.23 -31.98 -21.44
C TYR D 89 11.57 -31.19 -20.32
N PRO D 90 10.72 -31.83 -19.53
CA PRO D 90 9.85 -31.10 -18.60
C PRO D 90 10.63 -30.47 -17.46
N TYR D 91 9.93 -29.59 -16.74
CA TYR D 91 10.52 -28.76 -15.70
C TYR D 91 10.39 -29.44 -14.34
N GLU D 92 11.51 -29.47 -13.58
CA GLU D 92 11.55 -30.13 -12.30
C GLU D 92 11.84 -29.19 -11.13
N ALA D 93 12.11 -27.90 -11.39
CA ALA D 93 12.41 -26.93 -10.35
C ALA D 93 13.69 -27.26 -9.60
N THR D 94 14.59 -28.01 -10.21
CA THR D 94 15.85 -28.34 -9.57
C THR D 94 16.89 -28.64 -10.65
N GLU D 95 18.16 -28.46 -10.29
CA GLU D 95 19.25 -28.67 -11.22
C GLU D 95 19.52 -30.16 -11.43
N GLU D 96 19.72 -30.54 -12.68
CA GLU D 96 20.06 -31.91 -13.04
C GLU D 96 21.13 -31.89 -14.11
N SER D 97 21.67 -33.06 -14.42
CA SER D 97 22.63 -33.16 -15.51
C SER D 97 21.92 -32.88 -16.84
N CYS D 98 22.72 -32.55 -17.85
CA CYS D 98 22.16 -32.17 -19.14
C CYS D 98 21.67 -33.38 -19.90
N LYS D 99 20.43 -33.31 -20.39
N LYS D 99 20.43 -33.31 -20.40
CA LYS D 99 19.80 -34.41 -21.13
CA LYS D 99 19.82 -34.42 -21.13
C LYS D 99 19.33 -33.95 -22.50
C LYS D 99 19.35 -33.97 -22.51
N TYR D 100 19.98 -32.93 -23.06
CA TYR D 100 19.55 -32.40 -24.35
C TYR D 100 19.64 -33.46 -25.43
N ASN D 101 18.68 -33.44 -26.36
CA ASN D 101 18.65 -34.32 -27.52
C ASN D 101 18.27 -33.50 -28.75
N PRO D 102 19.15 -33.37 -29.74
CA PRO D 102 18.80 -32.54 -30.91
C PRO D 102 17.62 -33.06 -31.72
N LYS D 103 17.26 -34.33 -31.53
CA LYS D 103 16.09 -34.87 -32.22
C LYS D 103 14.80 -34.22 -31.74
N TYR D 104 14.76 -33.77 -30.49
CA TYR D 104 13.58 -33.12 -29.93
C TYR D 104 13.73 -31.60 -29.89
N SER D 105 14.75 -31.05 -30.53
CA SER D 105 14.90 -29.61 -30.58
C SER D 105 13.84 -28.99 -31.48
N VAL D 106 13.35 -27.82 -31.09
CA VAL D 106 12.31 -27.13 -31.85
C VAL D 106 12.64 -25.66 -32.00
N ALA D 107 13.85 -25.26 -31.61
CA ALA D 107 14.20 -23.84 -31.65
C ALA D 107 15.68 -23.68 -31.93
N ASN D 108 16.03 -22.47 -32.38
N ASN D 108 16.03 -22.49 -32.42
CA ASN D 108 17.43 -22.11 -32.57
CA ASN D 108 17.41 -22.13 -32.72
C ASN D 108 17.53 -20.61 -32.71
C ASN D 108 17.53 -20.62 -32.75
N ASP D 109 18.77 -20.13 -32.66
CA ASP D 109 19.04 -18.71 -32.85
C ASP D 109 20.49 -18.51 -33.24
N ALA D 110 20.77 -17.34 -33.80
CA ALA D 110 22.07 -16.98 -34.34
C ALA D 110 22.66 -15.80 -33.56
N GLY D 111 22.41 -15.77 -32.26
CA GLY D 111 22.88 -14.68 -31.42
C GLY D 111 21.76 -13.90 -30.79
N PHE D 112 22.06 -12.69 -30.33
CA PHE D 112 21.08 -11.88 -29.63
C PHE D 112 21.40 -10.41 -29.87
N VAL D 113 20.43 -9.56 -29.57
CA VAL D 113 20.54 -8.12 -29.74
C VAL D 113 20.28 -7.49 -28.38
N ASP D 114 21.19 -6.62 -27.94
CA ASP D 114 21.00 -5.84 -26.72
C ASP D 114 20.40 -4.49 -27.08
N ILE D 115 19.28 -4.15 -26.45
CA ILE D 115 18.57 -2.91 -26.73
C ILE D 115 19.23 -1.79 -25.93
N PRO D 116 19.45 -0.61 -26.53
CA PRO D 116 19.97 0.51 -25.75
C PRO D 116 19.09 0.79 -24.53
N LYS D 117 19.70 1.35 -23.50
CA LYS D 117 19.07 1.38 -22.17
C LYS D 117 18.21 2.63 -22.00
N GLN D 118 17.15 2.69 -22.81
CA GLN D 118 16.16 3.77 -22.79
C GLN D 118 14.80 3.15 -23.10
N GLU D 119 13.72 3.68 -22.53
CA GLU D 119 12.41 3.09 -22.76
C GLU D 119 11.87 3.38 -24.15
N LYS D 120 12.42 4.39 -24.84
CA LYS D 120 12.01 4.62 -26.22
C LYS D 120 12.51 3.49 -27.13
N ALA D 121 13.75 3.07 -26.93
CA ALA D 121 14.28 1.94 -27.68
C ALA D 121 13.55 0.65 -27.34
N LEU D 122 13.23 0.44 -26.06
CA LEU D 122 12.47 -0.74 -25.66
C LEU D 122 11.10 -0.77 -26.33
N MET D 123 10.42 0.37 -26.37
CA MET D 123 9.11 0.40 -27.02
C MET D 123 9.23 0.03 -28.49
N LYS D 124 10.24 0.57 -29.18
CA LYS D 124 10.41 0.25 -30.59
C LYS D 124 10.67 -1.23 -30.80
N ALA D 125 11.48 -1.84 -29.93
CA ALA D 125 11.77 -3.26 -30.05
C ALA D 125 10.50 -4.09 -29.82
N VAL D 126 9.75 -3.77 -28.76
CA VAL D 126 8.53 -4.52 -28.47
C VAL D 126 7.57 -4.40 -29.64
N ALA D 127 7.46 -3.21 -30.22
CA ALA D 127 6.51 -2.97 -31.29
C ALA D 127 6.90 -3.67 -32.58
N THR D 128 8.20 -3.85 -32.83
CA THR D 128 8.66 -4.32 -34.13
C THR D 128 9.19 -5.74 -34.14
N VAL D 129 9.61 -6.27 -32.99
CA VAL D 129 10.29 -7.55 -32.92
C VAL D 129 9.38 -8.64 -32.35
N GLY D 130 8.71 -8.34 -31.24
CA GLY D 130 8.00 -9.34 -30.48
C GLY D 130 8.28 -9.18 -29.01
N PRO D 131 7.91 -10.19 -28.20
CA PRO D 131 8.22 -10.15 -26.77
C PRO D 131 9.72 -10.03 -26.50
N ILE D 132 10.05 -9.27 -25.47
CA ILE D 132 11.44 -8.89 -25.17
C ILE D 132 11.78 -9.35 -23.76
N SER D 133 12.94 -9.99 -23.61
CA SER D 133 13.46 -10.35 -22.29
C SER D 133 13.96 -9.11 -21.57
N VAL D 134 13.55 -8.94 -20.31
CA VAL D 134 14.00 -7.78 -19.52
C VAL D 134 14.27 -8.24 -18.09
N ALA D 135 15.05 -7.42 -17.38
CA ALA D 135 15.36 -7.60 -15.97
C ALA D 135 14.71 -6.47 -15.17
N ILE D 136 14.13 -6.81 -14.03
CA ILE D 136 13.52 -5.80 -13.17
C ILE D 136 13.96 -6.02 -11.74
N ASP D 137 13.83 -4.96 -10.94
CA ASP D 137 13.94 -5.04 -9.48
C ASP D 137 12.58 -5.46 -8.95
N ALA D 138 12.44 -6.74 -8.59
CA ALA D 138 11.20 -7.27 -8.05
C ALA D 138 11.27 -7.48 -6.55
N GLY D 139 12.32 -6.97 -5.89
CA GLY D 139 12.56 -7.25 -4.49
C GLY D 139 11.77 -6.40 -3.51
N HIS D 140 10.45 -6.49 -3.59
CA HIS D 140 9.59 -5.68 -2.75
C HIS D 140 8.31 -6.43 -2.42
N GLU D 141 7.85 -6.26 -1.19
CA GLU D 141 6.64 -6.96 -0.72
C GLU D 141 5.44 -6.61 -1.59
N SER D 142 5.35 -5.36 -2.06
CA SER D 142 4.22 -4.98 -2.89
C SER D 142 4.17 -5.77 -4.20
N PHE D 143 5.33 -6.12 -4.75
CA PHE D 143 5.35 -6.93 -5.97
C PHE D 143 4.82 -8.33 -5.70
N LEU D 144 5.14 -8.90 -4.54
CA LEU D 144 4.62 -10.22 -4.18
C LEU D 144 3.10 -10.21 -4.11
N PHE D 145 2.52 -9.13 -3.61
CA PHE D 145 1.08 -9.07 -3.32
C PHE D 145 0.31 -8.36 -4.43
N TYR D 146 0.98 -7.99 -5.53
CA TYR D 146 0.33 -7.27 -6.62
C TYR D 146 -0.93 -7.99 -7.08
N LYS D 147 -2.00 -7.22 -7.27
CA LYS D 147 -3.27 -7.75 -7.75
C LYS D 147 -3.68 -7.18 -9.09
N GLU D 148 -3.64 -5.87 -9.25
CA GLU D 148 -4.14 -5.22 -10.46
C GLU D 148 -3.60 -3.81 -10.53
N GLY D 149 -3.84 -3.15 -11.66
CA GLY D 149 -3.41 -1.78 -11.82
C GLY D 149 -1.97 -1.70 -12.28
N ILE D 150 -1.47 -0.48 -12.35
CA ILE D 150 -0.11 -0.22 -12.83
C ILE D 150 0.81 -0.20 -11.63
N TYR D 151 1.77 -1.12 -11.60
CA TYR D 151 2.67 -1.24 -10.47
C TYR D 151 3.68 -0.11 -10.47
N PHE D 152 3.77 0.59 -9.35
CA PHE D 152 4.73 1.67 -9.14
C PHE D 152 5.21 1.62 -7.71
N GLU D 153 6.49 1.34 -7.51
CA GLU D 153 7.05 1.16 -6.16
C GLU D 153 8.04 2.28 -5.88
N PRO D 154 7.81 3.12 -4.87
CA PRO D 154 8.69 4.28 -4.67
C PRO D 154 10.18 3.95 -4.51
N ASP D 155 10.52 2.82 -3.89
CA ASP D 155 11.92 2.49 -3.63
C ASP D 155 12.47 1.46 -4.62
N CYS D 156 11.89 1.37 -5.81
CA CYS D 156 12.43 0.53 -6.86
C CYS D 156 13.74 1.15 -7.40
N SER D 157 14.68 0.28 -7.76
CA SER D 157 15.95 0.70 -8.31
C SER D 157 16.01 0.37 -9.79
N SER D 158 16.69 1.23 -10.56
CA SER D 158 16.89 1.01 -11.99
C SER D 158 18.26 0.44 -12.31
N GLU D 159 19.06 0.11 -11.30
CA GLU D 159 20.38 -0.49 -11.52
C GLU D 159 20.65 -1.83 -10.88
N ASP D 160 19.90 -2.17 -9.86
CA ASP D 160 20.08 -3.46 -9.20
C ASP D 160 18.84 -4.31 -9.46
N MET D 161 18.77 -4.87 -10.66
CA MET D 161 17.70 -5.81 -10.99
C MET D 161 18.04 -7.18 -10.45
N ASP D 162 16.99 -7.95 -10.12
CA ASP D 162 17.19 -9.27 -9.54
C ASP D 162 16.24 -10.33 -10.11
N HIS D 163 15.45 -9.98 -11.12
CA HIS D 163 14.39 -10.86 -11.62
C HIS D 163 14.20 -10.68 -13.11
N GLY D 164 14.22 -11.78 -13.85
CA GLY D 164 14.05 -11.76 -15.29
C GLY D 164 12.60 -12.07 -15.66
N VAL D 165 12.04 -11.22 -16.51
CA VAL D 165 10.65 -11.37 -16.95
C VAL D 165 10.56 -11.09 -18.44
N LEU D 166 9.34 -10.98 -18.97
CA LEU D 166 9.11 -10.88 -20.40
C LEU D 166 8.08 -9.80 -20.67
N VAL D 167 8.46 -8.81 -21.48
CA VAL D 167 7.57 -7.76 -21.90
C VAL D 167 6.84 -8.26 -23.15
N VAL D 168 5.52 -8.38 -23.06
CA VAL D 168 4.69 -8.89 -24.15
C VAL D 168 3.86 -7.79 -24.80
N GLY D 169 3.97 -6.55 -24.32
CA GLY D 169 3.25 -5.46 -24.91
C GLY D 169 3.28 -4.25 -24.01
N TYR D 170 2.45 -3.28 -24.34
CA TYR D 170 2.36 -2.04 -23.59
C TYR D 170 1.06 -1.34 -23.96
N GLY D 171 0.62 -0.42 -23.09
CA GLY D 171 -0.57 0.35 -23.37
C GLY D 171 -0.79 1.44 -22.34
N PHE D 172 -2.05 1.85 -22.16
CA PHE D 172 -2.38 2.85 -21.15
C PHE D 172 -3.76 2.55 -20.56
N GLU D 173 -3.97 3.05 -19.34
CA GLU D 173 -5.27 3.07 -18.69
C GLU D 173 -5.79 4.51 -18.68
N SER D 174 -7.09 4.65 -18.44
CA SER D 174 -7.71 5.97 -18.41
C SER D 174 -7.68 6.59 -19.81
N THR D 175 -7.93 7.90 -19.90
CA THR D 175 -7.82 8.57 -21.18
C THR D 175 -6.34 8.78 -21.52
N GLU D 176 -6.06 8.81 -22.83
CA GLU D 176 -4.68 8.91 -23.28
C GLU D 176 -3.96 10.11 -22.68
N SER D 177 -4.64 11.25 -22.57
CA SER D 177 -3.99 12.46 -22.10
C SER D 177 -3.45 12.33 -20.68
N ASP D 178 -3.98 11.40 -19.89
CA ASP D 178 -3.49 11.23 -18.52
C ASP D 178 -2.08 10.66 -18.47
N ASN D 179 -1.61 10.05 -19.57
CA ASN D 179 -0.26 9.49 -19.64
C ASN D 179 -0.08 8.38 -18.60
N ASN D 180 -1.15 7.61 -18.39
CA ASN D 180 -1.16 6.49 -17.44
C ASN D 180 -0.76 5.21 -18.18
N LYS D 181 0.53 5.09 -18.45
N LYS D 181 0.51 5.15 -18.55
CA LYS D 181 1.05 4.07 -19.35
CA LYS D 181 1.03 4.07 -19.35
C LYS D 181 1.71 2.93 -18.58
C LYS D 181 1.64 2.92 -18.57
N TYR D 182 1.80 1.78 -19.25
CA TYR D 182 2.34 0.60 -18.60
C TYR D 182 2.99 -0.33 -19.62
N TRP D 183 3.96 -1.09 -19.15
CA TRP D 183 4.45 -2.28 -19.85
C TRP D 183 3.62 -3.47 -19.39
N LEU D 184 3.25 -4.33 -20.32
CA LEU D 184 2.56 -5.58 -19.99
C LEU D 184 3.61 -6.68 -19.85
N VAL D 185 3.71 -7.27 -18.66
CA VAL D 185 4.83 -8.15 -18.33
C VAL D 185 4.31 -9.52 -17.89
N LYS D 186 4.87 -10.56 -18.48
CA LYS D 186 4.56 -11.93 -18.11
C LYS D 186 5.59 -12.42 -17.09
N ASN D 187 5.10 -12.89 -15.95
CA ASN D 187 5.94 -13.45 -14.89
C ASN D 187 5.93 -14.97 -14.97
N SER D 188 6.75 -15.60 -14.13
CA SER D 188 6.88 -17.05 -14.04
C SER D 188 6.63 -17.53 -12.62
N TRP D 189 5.62 -16.96 -11.94
CA TRP D 189 5.23 -17.40 -10.61
C TRP D 189 3.85 -18.04 -10.58
N GLY D 190 3.38 -18.58 -11.70
CA GLY D 190 2.07 -19.17 -11.76
C GLY D 190 0.97 -18.15 -11.98
N GLU D 191 -0.19 -18.64 -12.41
CA GLU D 191 -1.30 -17.75 -12.71
C GLU D 191 -2.02 -17.27 -11.47
N GLU D 192 -1.72 -17.85 -10.30
CA GLU D 192 -2.28 -17.38 -9.04
C GLU D 192 -1.67 -16.05 -8.59
N TRP D 193 -0.47 -15.74 -9.08
CA TRP D 193 0.16 -14.46 -8.77
C TRP D 193 -0.39 -13.36 -9.67
N GLY D 194 -0.58 -12.18 -9.09
CA GLY D 194 -0.88 -11.02 -9.91
C GLY D 194 -2.18 -11.17 -10.66
N MET D 195 -2.19 -10.68 -11.90
CA MET D 195 -3.37 -10.72 -12.77
C MET D 195 -3.21 -11.90 -13.73
N GLY D 196 -3.60 -13.08 -13.26
CA GLY D 196 -3.41 -14.26 -14.06
C GLY D 196 -1.96 -14.57 -14.39
N GLY D 197 -1.04 -14.11 -13.54
CA GLY D 197 0.38 -14.26 -13.78
C GLY D 197 1.05 -13.09 -14.44
N TYR D 198 0.30 -12.05 -14.80
CA TYR D 198 0.82 -10.89 -15.47
C TYR D 198 0.80 -9.67 -14.56
N VAL D 199 1.60 -8.66 -14.93
CA VAL D 199 1.68 -7.41 -14.18
C VAL D 199 1.82 -6.26 -15.17
N LYS D 200 1.17 -5.14 -14.87
CA LYS D 200 1.35 -3.89 -15.61
C LYS D 200 2.35 -3.03 -14.83
N MET D 201 3.48 -2.71 -15.45
N MET D 201 3.49 -2.73 -15.46
CA MET D 201 4.55 -1.99 -14.78
CA MET D 201 4.58 -1.99 -14.81
C MET D 201 4.68 -0.58 -15.34
C MET D 201 4.63 -0.56 -15.34
N ALA D 202 4.92 0.38 -14.44
CA ALA D 202 4.98 1.78 -14.83
C ALA D 202 5.92 2.00 -16.02
N LYS D 203 5.45 2.80 -16.97
CA LYS D 203 6.18 3.02 -18.21
C LYS D 203 6.45 4.51 -18.41
N ASP D 204 7.63 4.81 -18.94
CA ASP D 204 8.03 6.19 -19.26
C ASP D 204 8.17 7.04 -17.99
N ARG D 205 8.59 6.41 -16.90
CA ARG D 205 8.93 7.11 -15.67
C ARG D 205 10.42 6.97 -15.42
N ARG D 206 11.24 7.23 -16.46
CA ARG D 206 12.71 7.15 -16.39
C ARG D 206 13.18 5.78 -15.90
N ASN D 207 12.77 4.74 -16.64
CA ASN D 207 13.25 3.39 -16.45
C ASN D 207 12.93 2.89 -15.04
N HIS D 208 11.63 2.87 -14.73
CA HIS D 208 11.18 2.44 -13.41
C HIS D 208 11.45 0.96 -13.22
N CYS D 209 12.06 0.61 -12.09
CA CYS D 209 12.43 -0.74 -11.72
C CYS D 209 13.45 -1.36 -12.67
N GLY D 210 14.08 -0.56 -13.53
CA GLY D 210 15.15 -1.04 -14.38
C GLY D 210 14.72 -1.79 -15.62
N ILE D 211 13.46 -1.62 -16.04
CA ILE D 211 12.92 -2.51 -17.06
C ILE D 211 13.68 -2.38 -18.39
N ALA D 212 14.30 -1.23 -18.64
CA ALA D 212 15.04 -1.01 -19.89
C ALA D 212 16.55 -1.16 -19.71
N SER D 213 17.01 -1.58 -18.54
CA SER D 213 18.44 -1.59 -18.25
C SER D 213 19.15 -2.81 -18.84
N ALA D 214 18.45 -3.91 -19.03
CA ALA D 214 19.06 -5.13 -19.58
C ALA D 214 18.04 -5.86 -20.45
N ALA D 215 17.61 -5.21 -21.53
CA ALA D 215 16.63 -5.78 -22.44
C ALA D 215 17.34 -6.36 -23.66
N SER D 216 16.87 -7.51 -24.13
CA SER D 216 17.49 -8.17 -25.27
C SER D 216 16.51 -9.17 -25.85
N TYR D 217 16.83 -9.67 -27.04
CA TYR D 217 16.04 -10.70 -27.69
C TYR D 217 16.92 -11.51 -28.61
N PRO D 218 16.55 -12.76 -28.89
CA PRO D 218 17.39 -13.59 -29.76
C PRO D 218 17.14 -13.31 -31.23
N THR D 219 18.19 -13.44 -32.03
CA THR D 219 18.11 -13.34 -33.47
C THR D 219 17.98 -14.74 -34.04
N VAL D 220 16.93 -14.97 -34.81
CA VAL D 220 16.56 -16.33 -35.20
C VAL D 220 16.69 -16.52 -36.71
#